data_8CEX
#
_entry.id   8CEX
#
_cell.length_a   81.113
_cell.length_b   81.306
_cell.length_c   170.254
_cell.angle_alpha   90.000
_cell.angle_beta   90.000
_cell.angle_gamma   90.000
#
_symmetry.space_group_name_H-M   'P 21 21 21'
#
loop_
_entity.id
_entity.type
_entity.pdbx_description
1 polymer 'N-glycosylase/DNA lyase'
2 non-polymer 6-fluoranyl-N-[(4-methylphenyl)methyl]pyridine-3-carboxamide
3 non-polymer 'NICKEL (II) ION'
4 water water
#
_entity_poly.entity_id   1
_entity_poly.type   'polypeptide(L)'
_entity_poly.pdbx_seq_one_letter_code
;GSHMRHRTLSSSPALWASIPCPRSELRLDLVLASGQSFRWKEQSPAHWSGVLADQVWTLTQTEDQLYCTVYRGDDSQVSR
PTLEELETLHKYFQLDVSLAQLYSHWASVDSHFQRVAQKFQGVRLLRQDPTECLFSFICSSNNNIARITGMVERLCQAFG
PRLIQLDDVTYHGFPNLHALAGPEAETHLRKLGLGYRARYVRASAKAILEEQGGPAWLQQLRVAPYEEAHKALCTLPGVG
AKVADCICLMALDKPQAVPVDVHVWQIAHRDYGWHPKTSQAKGPSPLANKELGNFFRNLWGPYAGWAQAVLFSADLRQ
;
_entity_poly.pdbx_strand_id   A,B,C
#
loop_
_chem_comp.id
_chem_comp.type
_chem_comp.name
_chem_comp.formula
NI non-polymer 'NICKEL (II) ION' 'Ni 2'
UG0 non-polymer 6-fluoranyl-N-[(4-methylphenyl)methyl]pyridine-3-carboxamide 'C14 H13 F N2 O'
#
# COMPACT_ATOMS: atom_id res chain seq x y z
N HIS A 3 -5.23 -39.58 24.04
CA HIS A 3 -6.28 -40.51 23.55
C HIS A 3 -7.52 -39.70 23.14
N MET A 4 -8.04 -38.87 24.04
CA MET A 4 -9.18 -37.99 23.64
C MET A 4 -8.69 -37.12 22.49
N ARG A 5 -9.55 -36.91 21.52
CA ARG A 5 -9.14 -36.18 20.31
C ARG A 5 -9.89 -34.85 20.25
N HIS A 6 -9.36 -33.90 19.51
CA HIS A 6 -10.07 -32.62 19.32
C HIS A 6 -11.29 -32.90 18.45
N ARG A 7 -12.39 -32.20 18.71
CA ARG A 7 -13.59 -32.34 17.93
C ARG A 7 -13.58 -31.46 16.68
N THR A 8 -14.31 -31.97 15.68
CA THR A 8 -14.79 -31.21 14.53
C THR A 8 -16.31 -31.34 14.57
N LEU A 9 -16.98 -30.56 13.71
CA LEU A 9 -18.44 -30.45 13.70
C LEU A 9 -19.03 -31.71 13.06
N SER A 10 -18.21 -32.40 12.23
CA SER A 10 -18.47 -33.75 11.73
C SER A 10 -18.40 -34.80 12.86
N SER A 11 -17.21 -34.99 13.48
CA SER A 11 -16.93 -36.05 14.45
C SER A 11 -18.01 -36.23 15.53
N SER A 12 -18.60 -35.14 16.03
CA SER A 12 -19.23 -35.20 17.35
C SER A 12 -20.46 -34.31 17.42
N PRO A 13 -21.35 -34.22 16.40
CA PRO A 13 -22.25 -33.07 16.25
C PRO A 13 -23.26 -32.91 17.40
N ALA A 14 -23.40 -33.97 18.20
CA ALA A 14 -24.24 -33.96 19.39
C ALA A 14 -23.64 -33.11 20.52
N LEU A 15 -22.33 -32.88 20.49
CA LEU A 15 -21.61 -32.21 21.58
C LEU A 15 -21.39 -30.72 21.30
N TRP A 16 -21.89 -30.21 20.16
CA TRP A 16 -21.82 -28.80 19.83
C TRP A 16 -23.12 -28.10 20.20
N ALA A 17 -23.02 -26.86 20.71
CA ALA A 17 -24.12 -25.92 20.74
C ALA A 17 -23.83 -24.79 19.75
N SER A 18 -24.84 -23.96 19.48
CA SER A 18 -24.69 -22.86 18.55
C SER A 18 -25.25 -21.58 19.14
N ILE A 19 -24.61 -20.46 18.77
CA ILE A 19 -25.04 -19.12 19.10
C ILE A 19 -25.27 -18.43 17.76
N PRO A 20 -26.45 -17.78 17.55
CA PRO A 20 -26.71 -17.01 16.33
C PRO A 20 -25.73 -15.84 16.28
N CYS A 21 -24.93 -15.78 15.22
CA CYS A 21 -23.83 -14.83 15.16
C CYS A 21 -23.34 -14.70 13.71
N PRO A 22 -23.69 -13.59 13.02
CA PRO A 22 -23.26 -13.39 11.63
C PRO A 22 -21.75 -13.19 11.53
N ARG A 23 -21.17 -13.55 10.40
CA ARG A 23 -19.75 -13.32 10.16
C ARG A 23 -19.41 -11.83 10.04
N SER A 24 -20.43 -10.95 10.11
CA SER A 24 -20.19 -9.50 10.17
C SER A 24 -20.06 -9.02 11.62
N GLU A 25 -20.52 -9.84 12.56
CA GLU A 25 -20.34 -9.61 13.99
C GLU A 25 -19.05 -10.23 14.54
N LEU A 26 -18.49 -11.24 13.84
CA LEU A 26 -17.32 -11.96 14.29
C LEU A 26 -16.70 -12.85 13.21
N ARG A 27 -15.44 -12.61 12.86
CA ARG A 27 -14.63 -13.62 12.18
C ARG A 27 -13.60 -14.14 13.17
N LEU A 28 -13.75 -15.41 13.54
CA LEU A 28 -12.76 -16.13 14.35
C LEU A 28 -11.34 -15.95 13.81
N ASP A 29 -11.16 -16.09 12.50
CA ASP A 29 -9.80 -16.16 11.98
C ASP A 29 -9.11 -14.79 12.06
N LEU A 30 -9.86 -13.69 12.17
CA LEU A 30 -9.28 -12.36 12.27
C LEU A 30 -9.11 -11.92 13.73
N VAL A 31 -9.70 -12.67 14.66
CA VAL A 31 -9.80 -12.29 16.06
C VAL A 31 -8.87 -13.16 16.91
N LEU A 32 -8.88 -14.49 16.68
CA LEU A 32 -8.23 -15.39 17.59
C LEU A 32 -6.72 -15.44 17.34
N ALA A 33 -6.20 -14.99 16.18
CA ALA A 33 -4.76 -14.96 15.97
C ALA A 33 -4.20 -13.58 15.64
N SER A 34 -4.91 -12.49 15.99
CA SER A 34 -4.47 -11.14 15.67
C SER A 34 -3.73 -10.48 16.85
N GLY A 35 -3.23 -11.28 17.81
CA GLY A 35 -2.46 -10.75 18.93
C GLY A 35 -3.30 -10.06 20.02
N GLN A 36 -4.54 -10.53 20.24
CA GLN A 36 -5.31 -10.16 21.42
C GLN A 36 -5.10 -11.21 22.52
N SER A 37 -5.52 -12.43 22.20
CA SER A 37 -5.24 -13.66 22.94
C SER A 37 -4.19 -14.46 22.19
N PHE A 38 -3.36 -15.19 22.95
CA PHE A 38 -2.28 -16.02 22.41
C PHE A 38 -2.53 -17.50 22.70
N ARG A 39 -3.78 -17.87 23.02
CA ARG A 39 -4.11 -19.20 23.56
C ARG A 39 -4.99 -20.01 22.61
N TRP A 40 -5.24 -19.49 21.40
CA TRP A 40 -6.13 -20.12 20.43
C TRP A 40 -5.31 -20.66 19.26
N LYS A 41 -5.58 -21.92 18.86
CA LYS A 41 -4.89 -22.53 17.72
C LYS A 41 -5.92 -23.24 16.85
N GLU A 42 -5.71 -23.10 15.53
CA GLU A 42 -6.53 -23.77 14.55
C GLU A 42 -6.01 -25.20 14.35
N GLN A 43 -6.41 -26.13 15.24
CA GLN A 43 -5.76 -27.42 15.35
C GLN A 43 -6.17 -28.32 14.17
N SER A 44 -7.39 -28.12 13.65
CA SER A 44 -7.81 -28.62 12.36
C SER A 44 -8.53 -27.48 11.63
N PRO A 45 -8.54 -27.47 10.27
CA PRO A 45 -9.06 -26.33 9.51
C PRO A 45 -10.41 -25.78 9.97
N ALA A 46 -10.44 -24.45 10.24
CA ALA A 46 -11.62 -23.70 10.65
C ALA A 46 -12.18 -24.10 12.04
N HIS A 47 -11.38 -24.83 12.83
CA HIS A 47 -11.73 -25.24 14.19
C HIS A 47 -10.66 -24.74 15.16
N TRP A 48 -11.04 -23.77 16.01
CA TRP A 48 -10.10 -23.11 16.91
C TRP A 48 -10.26 -23.65 18.32
N SER A 49 -9.14 -24.12 18.89
CA SER A 49 -9.15 -24.66 20.24
C SER A 49 -8.31 -23.81 21.18
N GLY A 50 -8.75 -23.72 22.42
CA GLY A 50 -8.04 -22.88 23.39
C GLY A 50 -8.63 -22.97 24.78
N VAL A 51 -7.91 -22.41 25.74
CA VAL A 51 -8.36 -22.46 27.15
C VAL A 51 -9.13 -21.19 27.52
N LEU A 52 -10.34 -21.35 28.04
CA LEU A 52 -11.09 -20.21 28.58
C LEU A 52 -11.37 -20.56 30.04
N ALA A 53 -10.64 -19.94 30.96
CA ALA A 53 -10.82 -20.17 32.41
C ALA A 53 -10.17 -21.49 32.83
N ASP A 54 -10.99 -22.47 33.15
CA ASP A 54 -10.48 -23.80 33.57
C ASP A 54 -11.00 -24.82 32.59
N GLN A 55 -11.35 -24.37 31.39
CA GLN A 55 -12.00 -25.30 30.43
C GLN A 55 -11.44 -25.13 29.03
N VAL A 56 -11.36 -26.22 28.28
CA VAL A 56 -10.99 -26.09 26.87
C VAL A 56 -12.26 -25.98 26.02
N TRP A 57 -12.14 -25.21 24.95
CA TRP A 57 -13.19 -25.03 23.96
C TRP A 57 -12.62 -25.31 22.57
N THR A 58 -13.53 -25.76 21.70
CA THR A 58 -13.29 -25.69 20.27
C THR A 58 -14.44 -24.91 19.65
N LEU A 59 -14.07 -24.03 18.72
CA LEU A 59 -14.96 -23.05 18.11
C LEU A 59 -14.84 -23.14 16.60
N THR A 60 -15.99 -23.04 15.93
CA THR A 60 -16.05 -22.95 14.48
C THR A 60 -17.35 -22.24 14.14
N GLN A 61 -17.42 -21.69 12.91
CA GLN A 61 -18.60 -20.92 12.55
C GLN A 61 -19.00 -21.17 11.09
N THR A 62 -20.29 -20.99 10.82
CA THR A 62 -20.83 -20.81 9.48
C THR A 62 -21.03 -19.31 9.19
N GLU A 63 -21.74 -18.97 8.10
CA GLU A 63 -22.06 -17.60 7.75
C GLU A 63 -22.86 -16.90 8.86
N ASP A 64 -23.77 -17.63 9.50
CA ASP A 64 -24.67 -17.01 10.45
C ASP A 64 -24.67 -17.74 11.79
N GLN A 65 -23.85 -18.79 12.01
CA GLN A 65 -23.84 -19.47 13.32
C GLN A 65 -22.42 -19.63 13.87
N LEU A 66 -22.28 -19.42 15.19
CA LEU A 66 -21.07 -19.73 15.97
C LEU A 66 -21.29 -21.06 16.70
N TYR A 67 -20.52 -22.08 16.29
CA TYR A 67 -20.62 -23.40 16.91
C TYR A 67 -19.51 -23.53 17.94
N CYS A 68 -19.84 -24.11 19.09
CA CYS A 68 -18.85 -24.29 20.12
C CYS A 68 -19.05 -25.61 20.86
N THR A 69 -17.94 -26.10 21.44
CA THR A 69 -17.95 -27.35 22.22
C THR A 69 -16.95 -27.21 23.36
N VAL A 70 -17.30 -27.77 24.51
CA VAL A 70 -16.53 -27.65 25.74
C VAL A 70 -15.98 -29.02 26.13
N TYR A 71 -14.73 -29.03 26.63
CA TYR A 71 -14.11 -30.17 27.23
C TYR A 71 -13.74 -29.81 28.67
N ARG A 72 -14.42 -30.44 29.62
CA ARG A 72 -14.25 -30.02 31.05
C ARG A 72 -13.36 -31.01 31.82
N GLY A 73 -12.66 -31.88 31.12
CA GLY A 73 -11.72 -32.77 31.84
C GLY A 73 -11.96 -34.23 31.56
N ASP A 74 -10.92 -35.05 31.76
CA ASP A 74 -11.02 -36.51 31.51
C ASP A 74 -12.09 -37.12 32.42
N ASP A 75 -12.18 -36.64 33.65
CA ASP A 75 -13.13 -37.22 34.63
C ASP A 75 -14.40 -36.39 34.65
N SER A 76 -15.32 -36.65 33.70
CA SER A 76 -16.61 -35.93 33.59
C SER A 76 -17.35 -36.48 32.37
N GLN A 77 -18.68 -36.55 32.44
CA GLN A 77 -19.48 -37.09 31.31
C GLN A 77 -19.52 -36.05 30.19
N VAL A 78 -18.97 -36.39 29.04
CA VAL A 78 -18.91 -35.44 27.91
C VAL A 78 -20.33 -35.00 27.53
N SER A 79 -20.57 -33.69 27.41
CA SER A 79 -21.88 -33.17 27.05
C SER A 79 -21.78 -31.81 26.36
N ARG A 80 -22.89 -31.39 25.74
CA ARG A 80 -23.02 -30.06 25.14
C ARG A 80 -22.71 -28.98 26.17
N PRO A 81 -22.28 -27.77 25.73
CA PRO A 81 -22.16 -26.63 26.63
C PRO A 81 -23.48 -26.31 27.35
N THR A 82 -23.39 -25.97 28.65
CA THR A 82 -24.54 -25.58 29.44
C THR A 82 -24.94 -24.15 29.08
N LEU A 83 -26.04 -23.68 29.67
CA LEU A 83 -26.52 -22.32 29.48
C LEU A 83 -25.47 -21.32 30.00
N GLU A 84 -24.92 -21.61 31.19
CA GLU A 84 -23.96 -20.73 31.87
C GLU A 84 -22.64 -20.64 31.10
N GLU A 85 -22.20 -21.80 30.59
CA GLU A 85 -20.99 -21.88 29.78
C GLU A 85 -21.18 -21.11 28.46
N LEU A 86 -22.39 -21.13 27.89
CA LEU A 86 -22.67 -20.39 26.66
C LEU A 86 -22.69 -18.87 26.90
N GLU A 87 -23.09 -18.43 28.12
CA GLU A 87 -23.10 -17.02 28.49
C GLU A 87 -21.68 -16.50 28.69
N THR A 88 -20.82 -17.34 29.28
CA THR A 88 -19.41 -17.07 29.45
C THR A 88 -18.76 -16.70 28.12
N LEU A 89 -19.11 -17.46 27.09
CA LEU A 89 -18.58 -17.29 25.75
C LEU A 89 -19.11 -16.05 25.05
N HIS A 90 -20.40 -15.79 25.28
CA HIS A 90 -21.09 -14.62 24.76
C HIS A 90 -20.42 -13.36 25.31
N LYS A 91 -20.00 -13.40 26.58
CA LYS A 91 -19.35 -12.28 27.25
C LYS A 91 -17.91 -12.13 26.78
N TYR A 92 -17.24 -13.25 26.47
CA TYR A 92 -15.88 -13.29 25.96
C TYR A 92 -15.79 -12.57 24.62
N PHE A 93 -16.81 -12.76 23.78
CA PHE A 93 -16.84 -12.10 22.48
C PHE A 93 -17.66 -10.80 22.53
N GLN A 94 -18.17 -10.44 23.70
CA GLN A 94 -18.87 -9.18 23.95
C GLN A 94 -19.99 -8.99 22.91
N LEU A 95 -20.78 -10.05 22.71
CA LEU A 95 -21.67 -10.13 21.57
C LEU A 95 -22.93 -9.27 21.79
N ASP A 96 -23.13 -8.77 23.02
CA ASP A 96 -24.17 -7.78 23.30
C ASP A 96 -23.96 -6.54 22.45
N VAL A 97 -22.70 -6.21 22.15
CA VAL A 97 -22.33 -5.01 21.44
C VAL A 97 -22.40 -5.27 19.94
N SER A 98 -23.18 -4.46 19.24
CA SER A 98 -23.26 -4.51 17.79
C SER A 98 -22.04 -3.87 17.13
N LEU A 99 -21.37 -4.67 16.28
CA LEU A 99 -20.15 -4.29 15.59
C LEU A 99 -20.52 -3.64 14.26
N ALA A 100 -21.60 -4.11 13.64
CA ALA A 100 -22.13 -3.51 12.43
C ALA A 100 -22.52 -2.05 12.69
N GLN A 101 -23.11 -1.76 13.84
CA GLN A 101 -23.45 -0.40 14.25
C GLN A 101 -22.18 0.44 14.52
N LEU A 102 -21.15 -0.14 15.14
CA LEU A 102 -19.90 0.60 15.36
C LEU A 102 -19.18 0.85 14.05
N TYR A 103 -19.09 -0.18 13.20
CA TYR A 103 -18.46 -0.04 11.87
C TYR A 103 -19.09 1.11 11.07
N SER A 104 -20.43 1.23 11.10
CA SER A 104 -21.07 2.31 10.35
C SER A 104 -20.78 3.69 11.00
N HIS A 105 -20.74 3.76 12.34
CA HIS A 105 -20.40 5.02 12.99
C HIS A 105 -18.96 5.42 12.71
N TRP A 106 -18.04 4.45 12.63
CA TRP A 106 -16.64 4.80 12.37
C TRP A 106 -16.48 5.23 10.91
N ALA A 107 -17.14 4.49 10.01
CA ALA A 107 -17.14 4.75 8.57
C ALA A 107 -17.66 6.16 8.24
N SER A 108 -18.60 6.67 9.04
CA SER A 108 -19.22 7.95 8.77
C SER A 108 -18.27 9.13 8.98
N VAL A 109 -17.20 8.96 9.79
CA VAL A 109 -16.23 10.02 9.97
C VAL A 109 -14.89 9.74 9.28
N ASP A 110 -14.70 8.51 8.82
CA ASP A 110 -13.37 8.10 8.30
C ASP A 110 -13.50 7.30 7.01
N SER A 111 -13.11 7.91 5.89
CA SER A 111 -13.17 7.25 4.57
C SER A 111 -12.22 6.06 4.54
N HIS A 112 -11.04 6.23 5.11
CA HIS A 112 -10.02 5.16 5.08
C HIS A 112 -10.57 3.94 5.81
N PHE A 113 -11.13 4.16 7.00
CA PHE A 113 -11.72 3.05 7.71
C PHE A 113 -12.77 2.37 6.85
N GLN A 114 -13.62 3.15 6.15
CA GLN A 114 -14.67 2.58 5.31
C GLN A 114 -14.04 1.58 4.33
N ARG A 115 -13.00 1.99 3.59
CA ARG A 115 -12.33 1.17 2.60
C ARG A 115 -11.78 -0.14 3.18
N VAL A 116 -11.00 -0.04 4.27
CA VAL A 116 -10.35 -1.19 4.89
C VAL A 116 -11.38 -2.14 5.54
N ALA A 117 -12.23 -1.60 6.41
CA ALA A 117 -13.34 -2.35 7.00
C ALA A 117 -14.13 -3.23 6.02
N GLN A 118 -14.36 -2.76 4.79
CA GLN A 118 -15.15 -3.50 3.81
C GLN A 118 -14.64 -4.92 3.69
N LYS A 119 -13.31 -5.07 3.74
CA LYS A 119 -12.68 -6.36 3.55
C LYS A 119 -12.52 -7.09 4.89
N PHE A 120 -12.45 -6.34 6.01
CA PHE A 120 -12.10 -6.91 7.30
C PHE A 120 -13.23 -6.72 8.29
N GLN A 121 -14.34 -7.41 8.00
CA GLN A 121 -15.52 -7.43 8.85
C GLN A 121 -15.34 -8.43 9.98
N GLY A 122 -16.06 -8.20 11.09
CA GLY A 122 -16.11 -9.12 12.20
C GLY A 122 -14.85 -9.12 13.08
N VAL A 123 -14.07 -8.05 13.04
CA VAL A 123 -12.96 -7.88 13.98
C VAL A 123 -13.46 -7.11 15.21
N ARG A 124 -13.54 -7.83 16.33
CA ARG A 124 -13.97 -7.28 17.58
C ARG A 124 -12.96 -7.61 18.67
N LEU A 125 -13.18 -7.02 19.84
CA LEU A 125 -12.36 -7.24 21.01
C LEU A 125 -12.96 -8.30 21.90
N LEU A 126 -12.07 -9.27 22.25
CA LEU A 126 -12.31 -10.22 23.32
C LEU A 126 -12.25 -9.47 24.64
N ARG A 127 -13.06 -9.91 25.60
CA ARG A 127 -12.94 -9.49 26.97
C ARG A 127 -12.22 -10.60 27.75
N GLN A 128 -10.96 -10.37 28.06
CA GLN A 128 -10.07 -11.36 28.63
C GLN A 128 -9.98 -11.21 30.15
N ASP A 129 -9.50 -12.28 30.78
CA ASP A 129 -9.07 -12.33 32.16
C ASP A 129 -7.90 -11.36 32.30
N PRO A 130 -7.94 -10.42 33.29
CA PRO A 130 -6.86 -9.47 33.52
C PRO A 130 -5.50 -10.10 33.82
N THR A 131 -5.46 -11.18 34.57
CA THR A 131 -4.15 -11.79 34.98
C THR A 131 -3.47 -12.36 33.72
N GLU A 132 -4.21 -13.07 32.89
CA GLU A 132 -3.67 -13.62 31.63
C GLU A 132 -3.25 -12.48 30.71
N CYS A 133 -4.09 -11.50 30.52
CA CYS A 133 -3.79 -10.38 29.60
C CYS A 133 -2.55 -9.65 30.13
N LEU A 134 -2.49 -9.43 31.44
CA LEU A 134 -1.37 -8.67 31.96
C LEU A 134 -0.06 -9.36 31.60
N PHE A 135 0.04 -10.63 31.98
CA PHE A 135 1.30 -11.36 31.83
C PHE A 135 1.55 -11.74 30.38
N SER A 136 0.51 -11.93 29.60
CA SER A 136 0.72 -12.19 28.16
C SER A 136 1.34 -10.96 27.49
N PHE A 137 0.98 -9.75 27.91
CA PHE A 137 1.45 -8.52 27.24
C PHE A 137 2.81 -8.11 27.82
N ILE A 138 3.16 -8.61 29.00
CA ILE A 138 4.53 -8.36 29.50
C ILE A 138 5.46 -9.20 28.61
N CYS A 139 4.96 -10.30 28.06
CA CYS A 139 5.78 -11.14 27.17
C CYS A 139 5.83 -10.62 25.74
N SER A 140 5.07 -9.53 25.44
CA SER A 140 4.80 -9.05 24.10
C SER A 140 5.84 -8.03 23.62
N SER A 141 6.66 -7.52 24.54
CA SER A 141 7.66 -6.53 24.20
C SER A 141 8.73 -7.14 23.27
N ASN A 142 8.98 -6.46 22.13
CA ASN A 142 10.08 -6.77 21.22
C ASN A 142 9.99 -8.23 20.77
N ASN A 143 8.82 -8.61 20.25
CA ASN A 143 8.45 -9.99 20.10
C ASN A 143 7.52 -10.07 18.90
N ASN A 144 7.24 -11.28 18.43
CA ASN A 144 6.23 -11.52 17.41
C ASN A 144 5.16 -12.46 17.97
N ILE A 145 4.07 -12.62 17.24
CA ILE A 145 2.92 -13.37 17.75
C ILE A 145 3.30 -14.82 18.01
N ALA A 146 4.04 -15.46 17.09
CA ALA A 146 4.43 -16.86 17.24
C ALA A 146 5.32 -17.06 18.47
N ARG A 147 6.28 -16.17 18.69
CA ARG A 147 7.17 -16.27 19.85
C ARG A 147 6.40 -16.01 21.16
N ILE A 148 5.45 -15.07 21.18
CA ILE A 148 4.70 -14.75 22.39
C ILE A 148 3.88 -15.97 22.72
N THR A 149 3.26 -16.56 21.69
CA THR A 149 2.43 -17.74 21.83
C THR A 149 3.23 -18.87 22.50
N GLY A 150 4.48 -19.10 22.04
CA GLY A 150 5.37 -20.08 22.62
C GLY A 150 5.63 -19.84 24.11
N MET A 151 5.99 -18.61 24.47
CA MET A 151 6.33 -18.26 25.85
C MET A 151 5.16 -18.41 26.81
N VAL A 152 3.94 -18.13 26.33
CA VAL A 152 2.75 -18.17 27.15
C VAL A 152 2.35 -19.63 27.36
N GLU A 153 2.40 -20.40 26.30
CA GLU A 153 2.14 -21.84 26.39
C GLU A 153 3.11 -22.49 27.38
N ARG A 154 4.42 -22.22 27.27
CA ARG A 154 5.40 -22.85 28.17
C ARG A 154 5.20 -22.35 29.59
N LEU A 155 4.82 -21.06 29.75
CA LEU A 155 4.55 -20.51 31.07
C LEU A 155 3.41 -21.25 31.74
N CYS A 156 2.36 -21.54 30.97
CA CYS A 156 1.17 -22.19 31.54
C CYS A 156 1.46 -23.66 31.84
N GLN A 157 2.29 -24.31 31.01
CA GLN A 157 2.68 -25.69 31.27
C GLN A 157 3.49 -25.82 32.57
N ALA A 158 4.48 -24.96 32.76
CA ALA A 158 5.37 -24.99 33.90
C ALA A 158 4.71 -24.54 35.18
N PHE A 159 3.72 -23.61 35.13
CA PHE A 159 3.25 -23.00 36.37
C PHE A 159 1.78 -23.24 36.62
N GLY A 160 1.01 -23.59 35.57
CA GLY A 160 -0.43 -23.62 35.70
C GLY A 160 -1.00 -25.04 35.71
N PRO A 161 -2.25 -25.20 36.17
CA PRO A 161 -2.82 -26.53 36.32
C PRO A 161 -3.11 -27.22 35.00
N ARG A 162 -2.81 -28.51 34.93
CA ARG A 162 -3.16 -29.30 33.73
C ARG A 162 -4.68 -29.44 33.71
N LEU A 163 -5.26 -29.25 32.55
CA LEU A 163 -6.73 -29.38 32.44
C LEU A 163 -7.07 -30.66 31.68
N ILE A 164 -6.46 -30.88 30.52
CA ILE A 164 -6.79 -32.05 29.67
C ILE A 164 -5.80 -32.18 28.53
N GLN A 165 -5.76 -33.34 27.90
CA GLN A 165 -4.92 -33.55 26.69
C GLN A 165 -5.85 -33.93 25.53
N LEU A 166 -5.68 -33.23 24.42
CA LEU A 166 -6.45 -33.56 23.20
C LEU A 166 -5.41 -33.80 22.13
N ASP A 167 -5.39 -34.99 21.54
CA ASP A 167 -4.35 -35.38 20.57
C ASP A 167 -2.99 -35.27 21.28
N ASP A 168 -2.01 -34.63 20.67
CA ASP A 168 -0.71 -34.45 21.32
C ASP A 168 -0.57 -33.11 22.08
N VAL A 169 -1.70 -32.45 22.44
CA VAL A 169 -1.65 -31.11 23.01
C VAL A 169 -2.15 -31.16 24.46
N THR A 170 -1.27 -30.78 25.41
CA THR A 170 -1.69 -30.68 26.79
C THR A 170 -2.08 -29.22 27.09
N TYR A 171 -3.26 -29.05 27.69
CA TYR A 171 -3.83 -27.73 27.95
C TYR A 171 -3.72 -27.47 29.44
N HIS A 172 -3.20 -26.30 29.77
CA HIS A 172 -3.04 -25.90 31.19
C HIS A 172 -3.75 -24.57 31.41
N GLY A 173 -4.23 -24.38 32.63
CA GLY A 173 -4.85 -23.10 32.99
C GLY A 173 -3.80 -22.04 33.25
N PHE A 174 -4.20 -20.79 33.12
CA PHE A 174 -3.27 -19.68 33.40
C PHE A 174 -2.98 -19.68 34.90
N PRO A 175 -1.69 -19.53 35.27
CA PRO A 175 -1.32 -19.55 36.67
C PRO A 175 -1.81 -18.40 37.57
N ASN A 176 -2.03 -18.67 38.85
CA ASN A 176 -2.35 -17.62 39.81
C ASN A 176 -1.05 -16.90 40.13
N LEU A 177 -1.16 -15.74 40.77
CA LEU A 177 -0.06 -14.81 40.94
C LEU A 177 1.00 -15.42 41.84
N HIS A 178 0.55 -16.09 42.92
CA HIS A 178 1.44 -16.74 43.86
C HIS A 178 2.40 -17.71 43.16
N ALA A 179 1.94 -18.42 42.13
CA ALA A 179 2.77 -19.39 41.43
C ALA A 179 3.88 -18.69 40.63
N LEU A 180 3.61 -17.47 40.14
CA LEU A 180 4.57 -16.75 39.33
C LEU A 180 5.50 -15.89 40.19
N ALA A 181 5.18 -15.74 41.49
CA ALA A 181 5.89 -14.77 42.34
C ALA A 181 6.99 -15.40 43.18
N GLY A 182 7.28 -16.70 42.97
CA GLY A 182 8.09 -17.47 43.89
C GLY A 182 9.57 -17.31 43.59
N PRO A 183 10.45 -17.79 44.51
CA PRO A 183 11.90 -17.54 44.43
C PRO A 183 12.59 -18.01 43.16
N GLU A 184 12.14 -19.13 42.57
CA GLU A 184 12.79 -19.68 41.39
C GLU A 184 12.05 -19.30 40.09
N ALA A 185 11.03 -18.45 40.21
CA ALA A 185 10.13 -18.16 39.10
C ALA A 185 10.86 -17.56 37.92
N GLU A 186 11.72 -16.58 38.16
CA GLU A 186 12.47 -15.89 37.13
C GLU A 186 13.49 -16.84 36.47
N THR A 187 14.22 -17.59 37.30
CA THR A 187 15.18 -18.58 36.79
C THR A 187 14.47 -19.58 35.85
N HIS A 188 13.33 -20.12 36.29
CA HIS A 188 12.57 -21.08 35.50
C HIS A 188 12.13 -20.41 34.21
N LEU A 189 11.52 -19.21 34.31
CA LEU A 189 11.00 -18.54 33.13
C LEU A 189 12.13 -18.20 32.14
N ARG A 190 13.34 -17.90 32.61
CA ARG A 190 14.47 -17.69 31.71
C ARG A 190 14.83 -18.98 30.98
N LYS A 191 14.76 -20.10 31.69
CA LYS A 191 14.99 -21.41 31.09
C LYS A 191 13.94 -21.68 30.00
N LEU A 192 12.71 -21.13 30.14
CA LEU A 192 11.65 -21.30 29.15
C LEU A 192 11.76 -20.30 28.01
N GLY A 193 12.81 -19.47 27.95
CA GLY A 193 13.04 -18.63 26.77
C GLY A 193 12.47 -17.21 26.86
N LEU A 194 12.01 -16.78 28.08
CA LEU A 194 11.36 -15.48 28.17
C LEU A 194 12.36 -14.33 28.16
N GLY A 195 13.62 -14.62 28.49
CA GLY A 195 14.65 -13.59 28.46
C GLY A 195 14.43 -12.60 29.60
N TYR A 196 14.63 -11.31 29.36
CA TYR A 196 14.46 -10.25 30.36
C TYR A 196 13.01 -10.18 30.88
N ARG A 197 12.04 -10.64 30.09
CA ARG A 197 10.63 -10.55 30.41
C ARG A 197 10.31 -11.45 31.61
N ALA A 198 11.18 -12.44 31.87
CA ALA A 198 11.06 -13.31 33.02
C ALA A 198 11.11 -12.51 34.33
N ARG A 199 11.90 -11.45 34.35
CA ARG A 199 12.06 -10.64 35.56
C ARG A 199 10.77 -9.85 35.82
N TYR A 200 10.18 -9.28 34.74
CA TYR A 200 9.01 -8.45 34.85
C TYR A 200 7.80 -9.26 35.31
N VAL A 201 7.65 -10.48 34.77
CA VAL A 201 6.61 -11.42 35.13
C VAL A 201 6.65 -11.65 36.63
N ARG A 202 7.82 -12.09 37.11
CA ARG A 202 7.94 -12.46 38.51
C ARG A 202 7.74 -11.21 39.37
N ALA A 203 8.47 -10.13 39.03
CA ALA A 203 8.38 -8.92 39.84
C ALA A 203 6.96 -8.31 39.81
N SER A 204 6.23 -8.39 38.68
CA SER A 204 4.86 -7.85 38.64
C SER A 204 3.90 -8.72 39.45
N ALA A 205 4.10 -10.04 39.42
CA ALA A 205 3.30 -10.96 40.24
C ALA A 205 3.48 -10.62 41.71
N LYS A 206 4.73 -10.40 42.09
CA LYS A 206 5.07 -10.03 43.45
C LYS A 206 4.44 -8.67 43.81
N ALA A 207 4.60 -7.66 42.96
CA ALA A 207 4.06 -6.33 43.20
C ALA A 207 2.56 -6.35 43.43
N ILE A 208 1.80 -7.07 42.60
CA ILE A 208 0.35 -7.08 42.75
C ILE A 208 0.01 -7.73 44.08
N LEU A 209 0.74 -8.76 44.47
CA LEU A 209 0.40 -9.48 45.71
C LEU A 209 0.79 -8.64 46.93
N GLU A 210 1.98 -8.05 46.93
CA GLU A 210 2.50 -7.36 48.14
C GLU A 210 2.13 -5.87 48.22
N GLU A 211 1.97 -5.19 47.08
CA GLU A 211 1.69 -3.73 47.12
C GLU A 211 0.25 -3.41 46.72
N GLN A 212 -0.50 -4.37 46.18
CA GLN A 212 -1.84 -4.06 45.65
C GLN A 212 -2.94 -4.97 46.22
N GLY A 213 -2.58 -6.06 46.91
CA GLY A 213 -3.61 -6.84 47.60
C GLY A 213 -4.08 -8.08 46.84
N GLY A 214 -3.36 -8.50 45.79
CA GLY A 214 -3.75 -9.67 45.02
C GLY A 214 -4.70 -9.30 43.87
N PRO A 215 -5.35 -10.30 43.24
CA PRO A 215 -6.13 -10.09 42.03
C PRO A 215 -7.39 -9.25 42.16
N ALA A 216 -7.87 -9.02 43.39
CA ALA A 216 -9.01 -8.13 43.58
C ALA A 216 -8.67 -6.71 43.08
N TRP A 217 -7.36 -6.40 43.05
CA TRP A 217 -6.89 -5.12 42.53
C TRP A 217 -7.22 -4.97 41.05
N LEU A 218 -7.02 -6.03 40.25
CA LEU A 218 -7.30 -5.94 38.82
C LEU A 218 -8.80 -5.82 38.54
N GLN A 219 -9.65 -6.47 39.35
CA GLN A 219 -11.09 -6.28 39.26
C GLN A 219 -11.49 -4.84 39.59
N GLN A 220 -10.86 -4.24 40.59
CA GLN A 220 -11.10 -2.85 40.95
C GLN A 220 -10.73 -1.93 39.78
N LEU A 221 -9.67 -2.26 39.00
CA LEU A 221 -9.26 -1.44 37.86
C LEU A 221 -10.27 -1.55 36.74
N ARG A 222 -10.97 -2.69 36.71
CA ARG A 222 -11.97 -2.95 35.69
C ARG A 222 -13.17 -2.01 35.87
N VAL A 223 -13.42 -1.56 37.11
CA VAL A 223 -14.53 -0.63 37.39
C VAL A 223 -14.01 0.80 37.61
N ALA A 224 -12.70 0.97 37.82
CA ALA A 224 -12.11 2.30 37.85
C ALA A 224 -12.18 2.96 36.47
N PRO A 225 -12.09 4.30 36.36
CA PRO A 225 -12.04 4.95 35.05
C PRO A 225 -10.71 4.66 34.32
N TYR A 226 -10.77 4.67 32.98
CA TYR A 226 -9.66 4.43 32.08
C TYR A 226 -8.35 5.04 32.61
N GLU A 227 -8.39 6.34 32.94
CA GLU A 227 -7.16 7.08 33.23
C GLU A 227 -6.52 6.58 34.53
N GLU A 228 -7.35 6.18 35.51
CA GLU A 228 -6.86 5.70 36.79
C GLU A 228 -6.29 4.27 36.65
N ALA A 229 -6.95 3.44 35.82
CA ALA A 229 -6.52 2.08 35.55
C ALA A 229 -5.17 2.10 34.86
N HIS A 230 -5.05 2.97 33.83
CA HIS A 230 -3.83 3.10 33.05
C HIS A 230 -2.64 3.49 33.91
N LYS A 231 -2.80 4.53 34.72
CA LYS A 231 -1.71 4.99 35.58
C LYS A 231 -1.37 3.94 36.64
N ALA A 232 -2.35 3.23 37.17
CA ALA A 232 -2.09 2.20 38.16
C ALA A 232 -1.35 1.00 37.54
N LEU A 233 -1.69 0.64 36.30
CA LEU A 233 -0.95 -0.39 35.56
C LEU A 233 0.52 0.00 35.34
N CYS A 234 0.79 1.29 35.07
CA CYS A 234 2.14 1.75 34.76
C CYS A 234 3.07 1.77 35.97
N THR A 235 2.58 1.53 37.18
CA THR A 235 3.44 1.38 38.34
C THR A 235 4.12 -0.01 38.36
N LEU A 236 3.67 -0.97 37.54
CA LEU A 236 4.14 -2.35 37.59
C LEU A 236 5.39 -2.55 36.73
N PRO A 237 6.36 -3.39 37.17
CA PRO A 237 7.54 -3.68 36.34
C PRO A 237 7.21 -4.23 34.95
N GLY A 238 7.74 -3.59 33.91
CA GLY A 238 7.62 -4.07 32.53
C GLY A 238 6.30 -3.64 31.87
N VAL A 239 5.47 -2.88 32.62
CA VAL A 239 4.22 -2.36 32.11
C VAL A 239 4.38 -0.85 31.89
N GLY A 240 4.39 -0.45 30.61
CA GLY A 240 4.42 0.96 30.25
C GLY A 240 3.13 1.33 29.54
N ALA A 241 3.11 2.48 28.87
CA ALA A 241 1.93 3.06 28.25
C ALA A 241 1.27 2.09 27.29
N LYS A 242 2.10 1.42 26.49
CA LYS A 242 1.59 0.54 25.44
C LYS A 242 0.91 -0.70 26.06
N VAL A 243 1.61 -1.38 27.00
CA VAL A 243 1.08 -2.60 27.58
C VAL A 243 -0.16 -2.28 28.41
N ALA A 244 -0.13 -1.16 29.15
CA ALA A 244 -1.24 -0.76 30.00
C ALA A 244 -2.50 -0.50 29.18
N ASP A 245 -2.33 0.06 27.98
CA ASP A 245 -3.44 0.33 27.07
C ASP A 245 -3.97 -0.95 26.45
N CYS A 246 -3.10 -1.93 26.21
CA CYS A 246 -3.59 -3.22 25.72
C CYS A 246 -4.49 -3.85 26.76
N ILE A 247 -4.00 -3.91 27.98
CA ILE A 247 -4.76 -4.50 29.08
C ILE A 247 -6.08 -3.74 29.30
N CYS A 248 -6.00 -2.40 29.35
CA CYS A 248 -7.18 -1.59 29.56
C CYS A 248 -8.26 -1.92 28.53
N LEU A 249 -7.83 -1.98 27.26
CA LEU A 249 -8.72 -2.26 26.14
C LEU A 249 -9.29 -3.70 26.14
N MET A 250 -8.45 -4.67 26.51
CA MET A 250 -8.71 -6.07 26.24
C MET A 250 -9.26 -6.77 27.48
N ALA A 251 -9.01 -6.22 28.69
CA ALA A 251 -9.37 -6.93 29.93
C ALA A 251 -10.07 -6.04 30.96
N LEU A 252 -9.90 -4.70 30.87
CA LEU A 252 -10.42 -3.83 31.92
C LEU A 252 -11.57 -2.96 31.39
N ASP A 253 -12.20 -3.36 30.30
CA ASP A 253 -13.42 -2.74 29.79
C ASP A 253 -13.25 -1.23 29.58
N LYS A 254 -12.16 -0.88 28.90
CA LYS A 254 -11.91 0.48 28.44
C LYS A 254 -11.90 0.46 26.92
N PRO A 255 -13.07 0.59 26.24
CA PRO A 255 -13.07 0.52 24.77
C PRO A 255 -12.42 1.71 24.07
N GLN A 256 -12.11 2.77 24.83
CA GLN A 256 -11.46 3.96 24.29
C GLN A 256 -9.95 3.88 24.35
N ALA A 257 -9.39 2.83 24.99
CA ALA A 257 -7.93 2.74 25.07
C ALA A 257 -7.42 2.42 23.68
N VAL A 258 -6.39 3.18 23.27
CA VAL A 258 -5.78 3.02 21.96
C VAL A 258 -4.28 2.78 22.17
N PRO A 259 -3.84 1.51 22.13
CA PRO A 259 -2.45 1.19 22.31
C PRO A 259 -1.64 1.68 21.12
N VAL A 260 -0.62 2.48 21.37
CA VAL A 260 0.22 3.07 20.28
C VAL A 260 1.63 2.48 20.35
N ASP A 261 2.04 1.84 19.28
CA ASP A 261 3.40 1.28 19.14
C ASP A 261 3.79 1.49 17.68
N VAL A 262 4.62 0.61 17.14
CA VAL A 262 5.16 0.74 15.75
C VAL A 262 4.06 0.64 14.71
N HIS A 263 3.17 -0.32 14.83
CA HIS A 263 2.16 -0.55 13.78
C HIS A 263 1.17 0.61 13.68
N VAL A 264 0.65 1.11 14.80
CA VAL A 264 -0.35 2.21 14.80
C VAL A 264 0.33 3.53 14.40
N TRP A 265 1.58 3.71 14.78
CA TRP A 265 2.33 4.91 14.40
C TRP A 265 2.52 4.92 12.90
N GLN A 266 2.76 3.75 12.34
CA GLN A 266 2.98 3.59 10.92
C GLN A 266 1.66 3.76 10.18
N ILE A 267 0.59 3.09 10.63
CA ILE A 267 -0.75 3.30 10.12
C ILE A 267 -1.11 4.78 10.12
N ALA A 268 -0.95 5.45 11.26
CA ALA A 268 -1.37 6.83 11.39
C ALA A 268 -0.63 7.70 10.37
N HIS A 269 0.69 7.53 10.28
CA HIS A 269 1.49 8.33 9.36
C HIS A 269 1.11 8.01 7.92
N ARG A 270 1.16 6.73 7.57
CA ARG A 270 1.08 6.28 6.19
C ARG A 270 -0.33 6.50 5.67
N ASP A 271 -1.32 6.11 6.47
CA ASP A 271 -2.67 6.01 5.97
C ASP A 271 -3.50 7.25 6.31
N TYR A 272 -3.17 8.02 7.36
CA TYR A 272 -3.95 9.20 7.78
C TYR A 272 -3.19 10.49 7.53
N GLY A 273 -1.88 10.39 7.25
CA GLY A 273 -1.03 11.56 7.13
C GLY A 273 -0.80 12.30 8.43
N TRP A 274 -0.88 11.59 9.56
CA TRP A 274 -0.70 12.25 10.85
C TRP A 274 0.78 12.39 11.18
N HIS A 275 1.09 13.60 11.67
CA HIS A 275 2.38 13.96 12.22
C HIS A 275 2.12 14.60 13.58
N PRO A 276 3.01 14.45 14.60
CA PRO A 276 2.85 15.13 15.87
C PRO A 276 2.83 16.66 15.68
N LYS A 277 1.93 17.37 16.37
CA LYS A 277 1.92 18.82 16.34
C LYS A 277 2.84 19.33 17.43
N THR A 278 3.13 18.46 18.41
CA THR A 278 4.12 18.65 19.46
C THR A 278 4.41 17.29 20.11
N GLY A 283 9.27 12.09 15.25
CA GLY A 283 9.44 10.65 15.54
C GLY A 283 8.70 10.24 16.82
N PRO A 284 8.54 8.92 17.10
CA PRO A 284 7.89 8.46 18.34
C PRO A 284 8.53 8.97 19.65
N SER A 285 7.66 9.24 20.63
CA SER A 285 8.02 9.64 21.98
C SER A 285 6.81 9.32 22.88
N PRO A 286 6.99 9.16 24.20
CA PRO A 286 5.85 9.08 25.13
C PRO A 286 4.76 10.13 24.89
N LEU A 287 5.19 11.37 24.63
CA LEU A 287 4.26 12.51 24.47
C LEU A 287 3.54 12.44 23.12
N ALA A 288 4.27 12.10 22.05
CA ALA A 288 3.69 11.99 20.72
C ALA A 288 2.77 10.77 20.63
N ASN A 289 3.12 9.67 21.31
CA ASN A 289 2.27 8.49 21.36
C ASN A 289 0.96 8.82 22.07
N LYS A 290 1.02 9.54 23.18
CA LYS A 290 -0.17 9.94 23.92
C LYS A 290 -1.07 10.79 23.04
N GLU A 291 -0.46 11.76 22.34
CA GLU A 291 -1.15 12.65 21.42
C GLU A 291 -1.83 11.84 20.32
N LEU A 292 -1.18 10.78 19.82
CA LEU A 292 -1.79 10.01 18.73
C LEU A 292 -2.99 9.22 19.24
N GLY A 293 -2.94 8.69 20.47
CA GLY A 293 -4.12 8.04 21.06
C GLY A 293 -5.33 8.97 21.17
N ASN A 294 -5.06 10.20 21.64
CA ASN A 294 -6.05 11.28 21.75
C ASN A 294 -6.64 11.62 20.39
N PHE A 295 -5.79 11.63 19.36
CA PHE A 295 -6.21 11.89 17.99
C PHE A 295 -7.27 10.88 17.58
N PHE A 296 -7.00 9.60 17.83
CA PHE A 296 -7.92 8.54 17.42
C PHE A 296 -9.19 8.53 18.24
N ARG A 297 -9.14 8.85 19.54
CA ARG A 297 -10.34 9.01 20.34
C ARG A 297 -11.23 10.15 19.81
N ASN A 298 -10.61 11.29 19.51
CA ASN A 298 -11.31 12.44 18.99
C ASN A 298 -12.04 12.08 17.68
N LEU A 299 -11.37 11.28 16.84
CA LEU A 299 -11.85 10.92 15.52
C LEU A 299 -12.94 9.86 15.58
N TRP A 300 -12.73 8.79 16.36
CA TRP A 300 -13.57 7.60 16.30
C TRP A 300 -14.60 7.57 17.43
N GLY A 301 -14.27 8.19 18.57
CA GLY A 301 -15.21 8.20 19.68
C GLY A 301 -14.84 7.28 20.82
N PRO A 302 -15.79 6.93 21.71
CA PRO A 302 -15.49 6.15 22.91
C PRO A 302 -15.24 4.65 22.66
N TYR A 303 -15.37 4.15 21.42
CA TYR A 303 -14.91 2.79 21.10
C TYR A 303 -13.70 2.84 20.16
N ALA A 304 -12.80 3.82 20.36
CA ALA A 304 -11.63 4.03 19.51
C ALA A 304 -10.69 2.82 19.47
N GLY A 305 -10.55 2.12 20.60
CA GLY A 305 -9.68 0.95 20.67
C GLY A 305 -10.18 -0.21 19.81
N TRP A 306 -11.49 -0.37 19.75
CA TRP A 306 -12.08 -1.38 18.89
C TRP A 306 -11.85 -1.05 17.41
N ALA A 307 -11.89 0.26 17.11
CA ALA A 307 -11.71 0.70 15.73
C ALA A 307 -10.26 0.46 15.33
N GLN A 308 -9.36 0.71 16.28
CA GLN A 308 -7.95 0.46 16.00
C GLN A 308 -7.70 -1.02 15.73
N ALA A 309 -8.35 -1.91 16.49
CA ALA A 309 -8.17 -3.36 16.33
C ALA A 309 -8.59 -3.80 14.93
N VAL A 310 -9.61 -3.17 14.35
CA VAL A 310 -9.97 -3.47 12.97
C VAL A 310 -8.80 -3.17 12.03
N LEU A 311 -8.12 -2.05 12.21
CA LEU A 311 -7.03 -1.67 11.29
C LEU A 311 -5.76 -2.46 11.59
N PHE A 312 -5.53 -2.84 12.84
CA PHE A 312 -4.35 -3.64 13.24
C PHE A 312 -4.45 -5.03 12.62
N SER A 313 -5.62 -5.65 12.75
CA SER A 313 -5.84 -7.00 12.21
C SER A 313 -5.62 -6.98 10.69
N ALA A 314 -6.08 -5.94 10.03
CA ALA A 314 -5.90 -5.80 8.58
C ALA A 314 -4.42 -5.58 8.24
N ASP A 315 -3.74 -4.78 9.04
CA ASP A 315 -2.30 -4.51 8.80
C ASP A 315 -1.51 -5.80 9.02
N LEU A 316 -2.02 -6.70 9.85
CA LEU A 316 -1.37 -8.01 9.98
C LEU A 316 -1.48 -8.89 8.72
N ARG A 317 -2.65 -8.96 8.07
CA ARG A 317 -2.81 -9.59 6.75
C ARG A 317 -2.24 -8.69 5.63
N GLN A 318 -0.93 -8.40 5.66
CA GLN A 318 -0.29 -7.49 4.71
C GLN A 318 -1.22 -6.31 4.41
N MET B 4 -43.47 -0.41 -21.20
CA MET B 4 -42.29 -0.44 -22.11
C MET B 4 -41.05 -0.86 -21.32
N ARG B 5 -40.10 -1.53 -22.02
CA ARG B 5 -39.06 -2.30 -21.36
C ARG B 5 -37.69 -1.70 -21.64
N HIS B 6 -36.77 -1.80 -20.66
CA HIS B 6 -35.37 -1.49 -20.93
C HIS B 6 -34.82 -2.48 -21.94
N ARG B 7 -34.23 -1.94 -23.00
CA ARG B 7 -33.75 -2.78 -24.11
C ARG B 7 -32.41 -3.40 -23.77
N THR B 8 -32.04 -4.47 -24.47
CA THR B 8 -30.70 -5.08 -24.31
C THR B 8 -30.22 -5.36 -25.74
N LEU B 9 -28.92 -5.39 -25.97
CA LEU B 9 -28.42 -5.56 -27.35
C LEU B 9 -29.03 -6.84 -27.92
N SER B 10 -29.31 -7.81 -27.06
CA SER B 10 -29.90 -9.10 -27.49
C SER B 10 -31.37 -8.95 -27.84
N SER B 11 -32.16 -8.29 -26.97
CA SER B 11 -33.63 -8.20 -27.17
C SER B 11 -34.01 -7.41 -28.43
N SER B 12 -33.39 -6.25 -28.67
CA SER B 12 -33.79 -5.40 -29.81
C SER B 12 -32.56 -4.94 -30.59
N PRO B 13 -31.72 -5.84 -31.12
CA PRO B 13 -30.44 -5.41 -31.70
C PRO B 13 -30.47 -4.33 -32.80
N ALA B 14 -31.63 -4.04 -33.36
CA ALA B 14 -31.67 -3.11 -34.50
C ALA B 14 -31.81 -1.66 -34.02
N LEU B 15 -32.51 -1.45 -32.91
CA LEU B 15 -32.69 -0.13 -32.33
C LEU B 15 -31.41 0.41 -31.67
N TRP B 16 -30.29 -0.31 -31.79
CA TRP B 16 -28.99 0.16 -31.34
C TRP B 16 -28.22 0.79 -32.51
N ALA B 17 -27.51 1.89 -32.23
CA ALA B 17 -26.46 2.41 -33.10
C ALA B 17 -25.11 2.23 -32.39
N SER B 18 -24.00 2.46 -33.09
CA SER B 18 -22.68 2.33 -32.48
C SER B 18 -21.78 3.51 -32.83
N ILE B 19 -20.86 3.83 -31.90
CA ILE B 19 -19.79 4.78 -32.13
C ILE B 19 -18.47 4.03 -32.03
N PRO B 20 -17.58 4.16 -33.06
CA PRO B 20 -16.24 3.57 -33.01
C PRO B 20 -15.44 4.24 -31.91
N CYS B 21 -15.01 3.44 -30.94
CA CYS B 21 -14.44 3.97 -29.71
C CYS B 21 -13.82 2.82 -28.92
N PRO B 22 -12.47 2.74 -28.88
CA PRO B 22 -11.79 1.64 -28.18
C PRO B 22 -12.07 1.67 -26.67
N ARG B 23 -12.08 0.48 -26.05
CA ARG B 23 -12.28 0.37 -24.61
C ARG B 23 -11.06 0.91 -23.86
N SER B 24 -10.01 1.36 -24.57
CA SER B 24 -8.87 2.03 -23.96
C SER B 24 -9.09 3.55 -23.89
N GLU B 25 -10.04 4.06 -24.69
CA GLU B 25 -10.41 5.46 -24.68
C GLU B 25 -11.60 5.74 -23.73
N LEU B 26 -12.37 4.70 -23.36
CA LEU B 26 -13.52 4.85 -22.48
C LEU B 26 -13.98 3.50 -21.94
N ARG B 27 -13.97 3.36 -20.61
CA ARG B 27 -14.70 2.28 -19.97
C ARG B 27 -15.91 2.86 -19.26
N LEU B 28 -17.11 2.53 -19.76
CA LEU B 28 -18.37 2.96 -19.16
C LEU B 28 -18.41 2.61 -17.67
N ASP B 29 -17.99 1.39 -17.33
CA ASP B 29 -18.17 0.91 -15.97
C ASP B 29 -17.28 1.67 -14.99
N LEU B 30 -16.19 2.30 -15.44
CA LEU B 30 -15.30 3.07 -14.57
C LEU B 30 -15.69 4.56 -14.55
N VAL B 31 -16.57 4.98 -15.46
CA VAL B 31 -16.88 6.39 -15.66
C VAL B 31 -18.32 6.72 -15.17
N LEU B 32 -19.30 5.85 -15.45
CA LEU B 32 -20.70 6.22 -15.30
C LEU B 32 -21.17 6.21 -13.85
N ALA B 33 -20.56 5.39 -12.98
CA ALA B 33 -21.01 5.33 -11.58
C ALA B 33 -19.88 5.61 -10.61
N SER B 34 -18.82 6.30 -11.08
CA SER B 34 -17.65 6.54 -10.24
C SER B 34 -17.69 7.96 -9.66
N GLY B 35 -18.88 8.53 -9.46
CA GLY B 35 -19.05 9.76 -8.72
C GLY B 35 -18.79 11.02 -9.55
N GLN B 36 -18.99 10.93 -10.88
CA GLN B 36 -19.05 12.09 -11.75
C GLN B 36 -20.51 12.49 -11.93
N SER B 37 -21.24 11.57 -12.57
CA SER B 37 -22.68 11.62 -12.75
C SER B 37 -23.31 10.61 -11.81
N PHE B 38 -24.52 10.95 -11.30
CA PHE B 38 -25.26 10.12 -10.37
C PHE B 38 -26.57 9.60 -10.99
N ARG B 39 -26.68 9.65 -12.33
CA ARG B 39 -27.94 9.42 -13.03
C ARG B 39 -27.88 8.17 -13.92
N TRP B 40 -26.78 7.40 -13.84
CA TRP B 40 -26.60 6.20 -14.64
C TRP B 40 -26.70 4.99 -13.74
N LYS B 41 -27.51 4.00 -14.15
CA LYS B 41 -27.59 2.72 -13.44
C LYS B 41 -27.42 1.58 -14.44
N GLU B 42 -26.72 0.53 -14.00
CA GLU B 42 -26.61 -0.72 -14.73
C GLU B 42 -27.87 -1.55 -14.48
N GLN B 43 -28.96 -1.27 -15.23
CA GLN B 43 -30.28 -1.81 -14.93
C GLN B 43 -30.34 -3.30 -15.28
N SER B 44 -29.58 -3.74 -16.29
CA SER B 44 -29.25 -5.15 -16.49
C SER B 44 -27.76 -5.26 -16.78
N PRO B 45 -27.10 -6.42 -16.51
CA PRO B 45 -25.65 -6.55 -16.68
C PRO B 45 -25.07 -5.96 -17.97
N ALA B 46 -24.07 -5.07 -17.80
CA ALA B 46 -23.31 -4.42 -18.87
C ALA B 46 -24.15 -3.42 -19.69
N HIS B 47 -25.34 -3.04 -19.20
CA HIS B 47 -26.24 -2.11 -19.88
C HIS B 47 -26.60 -0.94 -18.96
N TRP B 48 -26.12 0.27 -19.29
CA TRP B 48 -26.24 1.44 -18.44
C TRP B 48 -27.35 2.38 -18.94
N SER B 49 -28.31 2.68 -18.05
CA SER B 49 -29.42 3.54 -18.45
C SER B 49 -29.40 4.85 -17.66
N GLY B 50 -29.70 5.97 -18.33
CA GLY B 50 -29.78 7.22 -17.61
C GLY B 50 -30.29 8.36 -18.47
N VAL B 51 -30.53 9.51 -17.83
CA VAL B 51 -31.11 10.67 -18.47
C VAL B 51 -29.98 11.58 -18.95
N LEU B 52 -30.20 12.13 -20.13
CA LEU B 52 -29.30 13.16 -20.68
C LEU B 52 -30.22 14.18 -21.33
N ALA B 53 -30.28 15.40 -20.80
CA ALA B 53 -31.09 16.49 -21.38
C ALA B 53 -32.51 16.05 -21.74
N ASP B 54 -33.34 15.67 -20.77
CA ASP B 54 -34.77 15.37 -21.06
C ASP B 54 -34.92 14.21 -22.04
N GLN B 55 -33.95 13.29 -22.06
CA GLN B 55 -34.09 12.06 -22.88
C GLN B 55 -33.40 10.91 -22.14
N VAL B 56 -33.89 9.69 -22.31
CA VAL B 56 -33.32 8.50 -21.62
C VAL B 56 -32.46 7.71 -22.61
N TRP B 57 -31.44 7.02 -22.12
CA TRP B 57 -30.51 6.28 -23.00
C TRP B 57 -30.12 4.97 -22.34
N THR B 58 -29.78 3.96 -23.14
CA THR B 58 -29.23 2.70 -22.57
C THR B 58 -27.91 2.47 -23.30
N LEU B 59 -26.81 2.24 -22.58
CA LEU B 59 -25.49 2.15 -23.24
C LEU B 59 -24.74 0.89 -22.84
N THR B 60 -23.93 0.36 -23.76
CA THR B 60 -23.09 -0.81 -23.53
C THR B 60 -21.96 -0.76 -24.55
N GLN B 61 -20.86 -1.50 -24.33
CA GLN B 61 -19.76 -1.50 -25.30
C GLN B 61 -19.15 -2.90 -25.43
N THR B 62 -18.43 -3.08 -26.54
CA THR B 62 -17.72 -4.36 -26.77
C THR B 62 -16.24 -4.16 -26.44
N GLU B 63 -15.38 -4.29 -27.45
CA GLU B 63 -13.92 -4.12 -27.24
C GLU B 63 -13.42 -3.04 -28.19
N ASP B 64 -14.33 -2.45 -28.97
CA ASP B 64 -13.92 -1.47 -29.97
C ASP B 64 -15.07 -0.52 -30.23
N GLN B 65 -16.23 -0.83 -29.65
CA GLN B 65 -17.48 -0.18 -30.12
C GLN B 65 -18.38 0.16 -28.93
N LEU B 66 -18.88 1.39 -28.88
CA LEU B 66 -19.85 1.85 -27.84
C LEU B 66 -21.27 1.69 -28.39
N TYR B 67 -22.07 0.86 -27.73
CA TYR B 67 -23.44 0.57 -28.26
C TYR B 67 -24.45 1.50 -27.57
N CYS B 68 -25.37 2.05 -28.35
CA CYS B 68 -26.28 3.06 -27.79
C CYS B 68 -27.72 2.85 -28.24
N THR B 69 -28.69 3.17 -27.37
CA THR B 69 -30.09 3.18 -27.79
C THR B 69 -30.78 4.31 -27.02
N VAL B 70 -31.68 5.02 -27.69
CA VAL B 70 -32.35 6.20 -27.06
C VAL B 70 -33.84 5.90 -26.87
N TYR B 71 -34.40 6.23 -25.70
CA TYR B 71 -35.85 6.10 -25.47
C TYR B 71 -36.42 7.51 -25.38
N ARG B 72 -37.19 7.91 -26.38
CA ARG B 72 -37.74 9.29 -26.41
C ARG B 72 -39.26 9.23 -26.27
N GLN B 77 -43.20 6.43 -32.54
CA GLN B 77 -42.04 7.02 -33.28
C GLN B 77 -40.75 6.21 -33.03
N VAL B 78 -40.83 5.06 -32.35
CA VAL B 78 -39.68 4.27 -31.91
C VAL B 78 -38.71 4.08 -33.08
N SER B 79 -37.42 4.41 -32.89
CA SER B 79 -36.38 4.28 -33.92
C SER B 79 -35.00 4.27 -33.27
N ARG B 80 -33.96 3.91 -34.03
CA ARG B 80 -32.58 3.94 -33.55
C ARG B 80 -32.20 5.37 -33.14
N PRO B 81 -31.11 5.56 -32.37
CA PRO B 81 -30.55 6.91 -32.12
C PRO B 81 -30.23 7.64 -33.42
N THR B 82 -30.51 8.94 -33.40
CA THR B 82 -30.19 9.79 -34.57
C THR B 82 -28.73 10.18 -34.51
N LEU B 83 -28.17 10.64 -35.63
CA LEU B 83 -26.76 11.09 -35.67
C LEU B 83 -26.60 12.21 -34.65
N GLU B 84 -27.52 13.17 -34.62
CA GLU B 84 -27.37 14.35 -33.72
C GLU B 84 -27.38 13.84 -32.28
N GLU B 85 -28.23 12.85 -31.99
CA GLU B 85 -28.26 12.24 -30.65
C GLU B 85 -26.91 11.57 -30.42
N LEU B 86 -26.37 10.93 -31.46
CA LEU B 86 -25.09 10.24 -31.33
C LEU B 86 -23.94 11.24 -31.13
N GLU B 87 -24.07 12.48 -31.70
CA GLU B 87 -23.08 13.54 -31.56
C GLU B 87 -23.10 14.12 -30.15
N THR B 88 -24.32 14.25 -29.60
CA THR B 88 -24.54 14.69 -28.24
C THR B 88 -23.75 13.81 -27.26
N LEU B 89 -23.77 12.50 -27.51
CA LEU B 89 -23.11 11.50 -26.71
C LEU B 89 -21.59 11.57 -26.87
N HIS B 90 -21.13 11.80 -28.10
CA HIS B 90 -19.71 12.00 -28.40
C HIS B 90 -19.16 13.17 -27.58
N LYS B 91 -19.95 14.26 -27.48
CA LYS B 91 -19.52 15.46 -26.76
C LYS B 91 -19.54 15.23 -25.24
N TYR B 92 -20.50 14.42 -24.77
CA TYR B 92 -20.67 14.10 -23.36
C TYR B 92 -19.45 13.31 -22.88
N PHE B 93 -18.93 12.41 -23.72
CA PHE B 93 -17.76 11.61 -23.39
C PHE B 93 -16.48 12.27 -23.85
N GLN B 94 -16.57 13.47 -24.46
CA GLN B 94 -15.45 14.29 -24.86
C GLN B 94 -14.47 13.44 -25.68
N LEU B 95 -15.00 12.74 -26.69
CA LEU B 95 -14.21 11.71 -27.36
C LEU B 95 -13.16 12.30 -28.31
N ASP B 96 -13.26 13.61 -28.59
CA ASP B 96 -12.24 14.35 -29.31
C ASP B 96 -10.89 14.24 -28.60
N VAL B 97 -10.92 14.17 -27.27
CA VAL B 97 -9.74 14.20 -26.42
C VAL B 97 -9.11 12.82 -26.37
N SER B 98 -7.83 12.76 -26.76
CA SER B 98 -7.09 11.49 -26.78
C SER B 98 -6.60 11.18 -25.37
N LEU B 99 -7.00 10.01 -24.89
CA LEU B 99 -6.68 9.54 -23.55
C LEU B 99 -5.34 8.80 -23.55
N ALA B 100 -5.06 8.10 -24.67
CA ALA B 100 -3.78 7.44 -24.85
C ALA B 100 -2.64 8.46 -24.80
N GLN B 101 -2.85 9.63 -25.44
CA GLN B 101 -1.89 10.71 -25.42
C GLN B 101 -1.73 11.30 -24.01
N LEU B 102 -2.84 11.47 -23.26
CA LEU B 102 -2.77 12.04 -21.93
C LEU B 102 -2.06 11.06 -20.97
N TYR B 103 -2.45 9.78 -21.05
CA TYR B 103 -1.89 8.75 -20.21
C TYR B 103 -0.37 8.64 -20.39
N SER B 104 0.09 8.78 -21.65
CA SER B 104 1.51 8.75 -21.99
C SER B 104 2.23 9.95 -21.35
N HIS B 105 1.65 11.15 -21.47
CA HIS B 105 2.26 12.34 -20.91
C HIS B 105 2.34 12.22 -19.39
N TRP B 106 1.29 11.67 -18.76
CA TRP B 106 1.26 11.60 -17.31
C TRP B 106 2.27 10.56 -16.84
N ALA B 107 2.34 9.42 -17.52
CA ALA B 107 3.29 8.36 -17.20
C ALA B 107 4.74 8.83 -17.31
N SER B 108 5.03 9.74 -18.24
CA SER B 108 6.40 10.17 -18.50
C SER B 108 6.89 11.11 -17.39
N VAL B 109 5.97 11.79 -16.67
CA VAL B 109 6.37 12.78 -15.66
C VAL B 109 6.15 12.30 -14.23
N ASP B 110 5.63 11.06 -14.08
CA ASP B 110 5.15 10.58 -12.80
C ASP B 110 5.24 9.06 -12.81
N SER B 111 6.26 8.54 -12.11
CA SER B 111 6.50 7.10 -12.01
C SER B 111 5.34 6.40 -11.30
N HIS B 112 4.74 7.09 -10.30
CA HIS B 112 3.65 6.50 -9.53
C HIS B 112 2.45 6.27 -10.43
N PHE B 113 2.09 7.29 -11.21
CA PHE B 113 1.03 7.18 -12.19
C PHE B 113 1.29 6.01 -13.12
N GLN B 114 2.53 5.87 -13.62
CA GLN B 114 2.89 4.80 -14.53
C GLN B 114 2.49 3.46 -13.93
N ARG B 115 2.90 3.18 -12.68
CA ARG B 115 2.62 1.91 -12.03
C ARG B 115 1.12 1.66 -11.88
N VAL B 116 0.41 2.62 -11.27
CA VAL B 116 -0.97 2.43 -10.83
C VAL B 116 -1.92 2.47 -12.01
N ALA B 117 -1.84 3.56 -12.77
CA ALA B 117 -2.89 3.92 -13.72
C ALA B 117 -2.55 3.33 -15.08
N GLN B 118 -2.55 2.00 -15.18
CA GLN B 118 -2.34 1.34 -16.45
C GLN B 118 -3.22 0.10 -16.56
N LYS B 119 -3.58 -0.51 -15.42
CA LYS B 119 -4.73 -1.41 -15.39
C LYS B 119 -6.05 -0.64 -15.23
N PHE B 120 -5.98 0.71 -15.18
CA PHE B 120 -7.19 1.53 -15.11
C PHE B 120 -7.28 2.42 -16.35
N GLN B 121 -7.46 1.78 -17.51
CA GLN B 121 -7.58 2.46 -18.79
C GLN B 121 -9.02 2.93 -19.00
N GLY B 122 -9.19 3.98 -19.81
CA GLY B 122 -10.52 4.39 -20.27
C GLY B 122 -11.25 5.25 -19.25
N VAL B 123 -10.51 5.82 -18.28
CA VAL B 123 -11.10 6.76 -17.34
C VAL B 123 -10.90 8.17 -17.88
N ARG B 124 -12.05 8.79 -18.19
CA ARG B 124 -12.11 10.14 -18.67
C ARG B 124 -13.22 10.88 -17.96
N LEU B 125 -13.30 12.18 -18.24
CA LEU B 125 -14.33 13.04 -17.71
C LEU B 125 -15.48 13.20 -18.69
N LEU B 126 -16.68 13.08 -18.12
CA LEU B 126 -17.90 13.52 -18.75
C LEU B 126 -17.91 15.03 -18.76
N ARG B 127 -18.56 15.56 -19.79
CA ARG B 127 -18.88 16.99 -19.86
C ARG B 127 -20.36 17.12 -19.52
N GLN B 128 -20.66 17.55 -18.28
CA GLN B 128 -22.02 17.51 -17.76
C GLN B 128 -22.68 18.88 -17.88
N ASP B 129 -24.01 18.87 -17.84
CA ASP B 129 -24.81 20.08 -17.73
C ASP B 129 -24.43 20.76 -16.43
N PRO B 130 -24.12 22.09 -16.43
CA PRO B 130 -23.77 22.83 -15.23
C PRO B 130 -24.81 22.84 -14.12
N THR B 131 -26.08 22.96 -14.50
CA THR B 131 -27.15 23.01 -13.52
C THR B 131 -27.17 21.70 -12.75
N GLU B 132 -27.20 20.60 -13.50
CA GLU B 132 -27.27 19.28 -12.91
C GLU B 132 -26.03 19.06 -12.05
N CYS B 133 -24.88 19.45 -12.57
CA CYS B 133 -23.63 19.17 -11.89
C CYS B 133 -23.61 19.94 -10.58
N LEU B 134 -23.95 21.23 -10.64
CA LEU B 134 -23.98 22.11 -9.49
C LEU B 134 -24.81 21.49 -8.37
N PHE B 135 -26.08 21.19 -8.67
CA PHE B 135 -27.01 20.76 -7.62
C PHE B 135 -26.73 19.33 -7.20
N SER B 136 -26.20 18.49 -8.09
CA SER B 136 -25.78 17.17 -7.68
C SER B 136 -24.66 17.27 -6.65
N PHE B 137 -23.73 18.22 -6.84
CA PHE B 137 -22.55 18.27 -6.01
C PHE B 137 -22.85 19.02 -4.71
N ILE B 138 -23.88 19.87 -4.70
CA ILE B 138 -24.43 20.41 -3.46
C ILE B 138 -24.99 19.28 -2.59
N CYS B 139 -25.47 18.17 -3.21
CA CYS B 139 -25.95 17.01 -2.45
C CYS B 139 -24.81 16.08 -2.03
N SER B 140 -23.55 16.47 -2.28
CA SER B 140 -22.37 15.60 -2.26
C SER B 140 -21.71 15.55 -0.87
N SER B 141 -22.00 16.58 -0.06
CA SER B 141 -21.33 16.77 1.22
C SER B 141 -21.65 15.63 2.19
N ASN B 142 -20.60 15.05 2.80
CA ASN B 142 -20.71 14.07 3.88
C ASN B 142 -21.54 12.89 3.43
N ASN B 143 -21.14 12.27 2.33
CA ASN B 143 -22.03 11.37 1.62
C ASN B 143 -21.22 10.30 0.92
N ASN B 144 -21.90 9.25 0.42
CA ASN B 144 -21.28 8.30 -0.49
C ASN B 144 -22.09 8.27 -1.80
N ILE B 145 -21.61 7.47 -2.76
CA ILE B 145 -22.16 7.51 -4.10
C ILE B 145 -23.61 7.02 -4.12
N ALA B 146 -23.89 5.90 -3.44
CA ALA B 146 -25.24 5.35 -3.37
C ALA B 146 -26.23 6.37 -2.78
N ARG B 147 -25.84 7.04 -1.69
CA ARG B 147 -26.77 7.95 -1.03
C ARG B 147 -26.99 9.22 -1.87
N ILE B 148 -25.93 9.71 -2.56
CA ILE B 148 -26.06 10.89 -3.40
C ILE B 148 -27.02 10.55 -4.55
N THR B 149 -26.84 9.35 -5.11
CA THR B 149 -27.68 8.83 -6.18
C THR B 149 -29.17 8.84 -5.77
N GLY B 150 -29.48 8.37 -4.54
CA GLY B 150 -30.83 8.39 -3.98
C GLY B 150 -31.41 9.80 -3.92
N MET B 151 -30.63 10.76 -3.40
CA MET B 151 -31.07 12.13 -3.22
C MET B 151 -31.37 12.82 -4.56
N VAL B 152 -30.56 12.51 -5.58
CA VAL B 152 -30.66 13.18 -6.87
C VAL B 152 -31.88 12.62 -7.61
N GLU B 153 -32.04 11.29 -7.55
CA GLU B 153 -33.22 10.65 -8.10
C GLU B 153 -34.50 11.25 -7.51
N ARG B 154 -34.59 11.34 -6.18
CA ARG B 154 -35.80 11.83 -5.54
C ARG B 154 -35.98 13.33 -5.85
N LEU B 155 -34.88 14.07 -5.96
CA LEU B 155 -34.96 15.49 -6.32
C LEU B 155 -35.58 15.68 -7.73
N CYS B 156 -35.19 14.80 -8.67
CA CYS B 156 -35.67 14.92 -10.04
C CYS B 156 -37.14 14.47 -10.12
N GLN B 157 -37.51 13.45 -9.32
CA GLN B 157 -38.89 13.00 -9.24
C GLN B 157 -39.83 14.11 -8.73
N ALA B 158 -39.45 14.79 -7.65
CA ALA B 158 -40.29 15.81 -7.05
C ALA B 158 -40.33 17.10 -7.88
N PHE B 159 -39.22 17.47 -8.57
CA PHE B 159 -39.11 18.82 -9.12
C PHE B 159 -38.95 18.87 -10.62
N GLY B 160 -38.57 17.75 -11.23
CA GLY B 160 -38.30 17.74 -12.66
C GLY B 160 -39.41 17.09 -13.47
N PRO B 161 -39.48 17.41 -14.79
CA PRO B 161 -40.53 16.88 -15.67
C PRO B 161 -40.43 15.36 -15.86
N ARG B 162 -41.57 14.67 -15.78
CA ARG B 162 -41.65 13.25 -16.07
C ARG B 162 -41.42 13.07 -17.57
N LEU B 163 -40.57 12.11 -17.93
CA LEU B 163 -40.19 11.93 -19.32
C LEU B 163 -40.86 10.69 -19.88
N ILE B 164 -40.63 9.51 -19.53
CA ILE B 164 -40.74 8.12 -19.94
C ILE B 164 -40.75 7.27 -18.68
N GLN B 165 -41.29 6.06 -18.85
CA GLN B 165 -41.20 4.95 -17.90
C GLN B 165 -40.70 3.69 -18.61
N LEU B 166 -39.76 2.98 -17.97
CA LEU B 166 -39.25 1.73 -18.49
C LEU B 166 -39.23 0.73 -17.34
N ASP B 167 -39.84 -0.45 -17.52
CA ASP B 167 -40.03 -1.39 -16.42
C ASP B 167 -40.65 -0.62 -15.25
N ASP B 168 -40.08 -0.74 -14.02
CA ASP B 168 -40.57 -0.08 -12.84
C ASP B 168 -39.92 1.29 -12.57
N VAL B 169 -39.26 1.89 -13.57
CA VAL B 169 -38.46 3.08 -13.36
C VAL B 169 -39.08 4.24 -14.13
N THR B 170 -39.45 5.28 -13.37
CA THR B 170 -39.90 6.54 -13.95
C THR B 170 -38.70 7.49 -14.03
N TYR B 171 -38.48 8.03 -15.23
CA TYR B 171 -37.35 8.90 -15.51
C TYR B 171 -37.87 10.34 -15.57
N HIS B 172 -37.14 11.21 -14.87
CA HIS B 172 -37.44 12.62 -14.83
C HIS B 172 -36.24 13.43 -15.32
N GLY B 173 -36.51 14.52 -16.04
CA GLY B 173 -35.47 15.47 -16.40
C GLY B 173 -34.98 16.24 -15.18
N PHE B 174 -33.77 16.76 -15.29
CA PHE B 174 -33.20 17.52 -14.19
C PHE B 174 -33.99 18.82 -14.09
N PRO B 175 -34.37 19.27 -12.87
CA PRO B 175 -35.13 20.50 -12.72
C PRO B 175 -34.36 21.74 -13.14
N ASN B 176 -35.10 22.74 -13.63
CA ASN B 176 -34.52 24.04 -13.89
C ASN B 176 -34.45 24.75 -12.53
N LEU B 177 -33.76 25.90 -12.51
CA LEU B 177 -33.54 26.68 -11.31
C LEU B 177 -34.87 27.18 -10.75
N HIS B 178 -35.78 27.61 -11.65
CA HIS B 178 -37.10 28.12 -11.27
C HIS B 178 -37.84 27.13 -10.36
N ALA B 179 -37.77 25.84 -10.68
CA ALA B 179 -38.46 24.82 -9.92
C ALA B 179 -37.86 24.66 -8.52
N LEU B 180 -36.53 24.83 -8.43
CA LEU B 180 -35.78 24.56 -7.21
C LEU B 180 -35.78 25.78 -6.30
N ALA B 181 -36.07 26.95 -6.85
CA ALA B 181 -36.11 28.19 -6.06
C ALA B 181 -37.54 28.43 -5.56
N GLY B 182 -38.27 27.35 -5.29
CA GLY B 182 -39.68 27.51 -4.93
C GLY B 182 -39.90 27.56 -3.44
N PRO B 183 -41.13 27.88 -2.99
CA PRO B 183 -41.40 28.03 -1.57
C PRO B 183 -41.19 26.76 -0.74
N GLU B 184 -41.87 25.67 -1.09
CA GLU B 184 -41.75 24.45 -0.26
C GLU B 184 -40.57 23.65 -0.78
N ALA B 185 -39.77 24.29 -1.63
CA ALA B 185 -38.62 23.59 -2.24
C ALA B 185 -37.75 22.99 -1.12
N GLU B 186 -37.38 23.77 -0.11
CA GLU B 186 -36.51 23.26 0.97
C GLU B 186 -37.27 22.22 1.80
N THR B 187 -38.50 22.54 2.18
CA THR B 187 -39.23 21.60 3.06
C THR B 187 -39.48 20.33 2.24
N HIS B 188 -39.93 20.48 0.99
CA HIS B 188 -40.12 19.24 0.26
C HIS B 188 -38.79 18.47 0.26
N LEU B 189 -37.69 19.15 -0.08
CA LEU B 189 -36.39 18.47 -0.17
C LEU B 189 -35.98 17.90 1.19
N ARG B 190 -36.31 18.58 2.29
CA ARG B 190 -36.01 18.06 3.63
C ARG B 190 -36.80 16.78 3.87
N LYS B 191 -38.07 16.77 3.43
CA LYS B 191 -38.92 15.59 3.51
C LYS B 191 -38.27 14.42 2.76
N LEU B 192 -37.55 14.70 1.67
CA LEU B 192 -36.93 13.67 0.84
C LEU B 192 -35.58 13.20 1.39
N GLY B 193 -35.14 13.73 2.55
CA GLY B 193 -33.96 13.23 3.24
C GLY B 193 -32.65 13.92 2.81
N LEU B 194 -32.75 15.14 2.27
CA LEU B 194 -31.56 15.89 1.89
C LEU B 194 -30.90 16.52 3.12
N GLY B 195 -31.66 16.74 4.20
CA GLY B 195 -31.07 17.35 5.39
C GLY B 195 -30.76 18.82 5.12
N TYR B 196 -29.61 19.29 5.63
CA TYR B 196 -29.16 20.68 5.52
C TYR B 196 -29.00 21.10 4.06
N ARG B 197 -28.73 20.12 3.18
CA ARG B 197 -28.42 20.37 1.78
C ARG B 197 -29.64 20.97 1.06
N ALA B 198 -30.84 20.70 1.60
CA ALA B 198 -32.08 21.22 1.04
C ALA B 198 -32.07 22.74 1.01
N ARG B 199 -31.44 23.36 2.02
CA ARG B 199 -31.43 24.81 2.12
C ARG B 199 -30.54 25.41 1.04
N TYR B 200 -29.37 24.76 0.85
CA TYR B 200 -28.35 25.22 -0.09
C TYR B 200 -28.87 25.16 -1.53
N VAL B 201 -29.55 24.06 -1.87
CA VAL B 201 -30.19 23.85 -3.15
C VAL B 201 -31.12 25.01 -3.45
N ARG B 202 -32.07 25.25 -2.54
CA ARG B 202 -33.07 26.27 -2.76
C ARG B 202 -32.41 27.65 -2.84
N ALA B 203 -31.56 27.95 -1.84
CA ALA B 203 -30.94 29.26 -1.76
C ALA B 203 -30.01 29.52 -2.96
N SER B 204 -29.29 28.48 -3.44
CA SER B 204 -28.41 28.67 -4.59
C SER B 204 -29.24 28.91 -5.86
N ALA B 205 -30.34 28.16 -6.02
CA ALA B 205 -31.21 28.34 -7.17
C ALA B 205 -31.78 29.77 -7.17
N LYS B 206 -32.18 30.24 -5.98
CA LYS B 206 -32.70 31.59 -5.82
C LYS B 206 -31.65 32.62 -6.21
N ALA B 207 -30.44 32.48 -5.63
CA ALA B 207 -29.35 33.42 -5.87
C ALA B 207 -29.04 33.54 -7.37
N ILE B 208 -28.93 32.41 -8.07
CA ILE B 208 -28.58 32.43 -9.49
C ILE B 208 -29.66 33.18 -10.28
N LEU B 209 -30.93 32.93 -9.92
CA LEU B 209 -32.04 33.57 -10.62
C LEU B 209 -32.05 35.08 -10.40
N GLU B 210 -32.05 35.48 -9.13
CA GLU B 210 -32.36 36.86 -8.74
C GLU B 210 -31.11 37.75 -8.78
N GLU B 211 -29.94 37.21 -8.42
CA GLU B 211 -28.74 38.02 -8.24
C GLU B 211 -27.75 37.84 -9.39
N GLN B 212 -27.96 36.86 -10.27
CA GLN B 212 -26.95 36.54 -11.28
C GLN B 212 -27.55 36.46 -12.70
N GLY B 213 -28.89 36.54 -12.82
CA GLY B 213 -29.54 36.70 -14.12
C GLY B 213 -29.91 35.39 -14.81
N GLY B 214 -30.14 34.33 -14.02
CA GLY B 214 -30.64 33.08 -14.54
C GLY B 214 -29.52 32.13 -14.96
N PRO B 215 -29.87 30.98 -15.61
CA PRO B 215 -28.89 29.94 -15.92
C PRO B 215 -27.82 30.31 -16.97
N ALA B 216 -28.02 31.41 -17.70
CA ALA B 216 -27.00 31.93 -18.59
C ALA B 216 -25.72 32.26 -17.82
N TRP B 217 -25.83 32.50 -16.51
CA TRP B 217 -24.69 32.73 -15.64
C TRP B 217 -23.75 31.51 -15.59
N LEU B 218 -24.31 30.29 -15.52
CA LEU B 218 -23.49 29.09 -15.49
C LEU B 218 -22.80 28.83 -16.83
N GLN B 219 -23.47 29.15 -17.95
CA GLN B 219 -22.86 29.07 -19.26
C GLN B 219 -21.71 30.08 -19.37
N GLN B 220 -21.87 31.28 -18.79
CA GLN B 220 -20.82 32.29 -18.76
C GLN B 220 -19.60 31.76 -18.01
N LEU B 221 -19.79 30.94 -16.96
CA LEU B 221 -18.68 30.39 -16.19
C LEU B 221 -17.95 29.33 -17.00
N ARG B 222 -18.67 28.70 -17.93
CA ARG B 222 -18.09 27.69 -18.79
C ARG B 222 -17.07 28.29 -19.74
N VAL B 223 -17.22 29.59 -20.09
CA VAL B 223 -16.29 30.26 -20.98
C VAL B 223 -15.37 31.19 -20.19
N ALA B 224 -15.72 31.51 -18.94
CA ALA B 224 -14.84 32.28 -18.07
C ALA B 224 -13.58 31.47 -17.75
N PRO B 225 -12.45 32.12 -17.36
CA PRO B 225 -11.26 31.38 -16.94
C PRO B 225 -11.50 30.64 -15.62
N TYR B 226 -10.78 29.52 -15.45
CA TYR B 226 -10.87 28.65 -14.28
C TYR B 226 -11.00 29.45 -12.98
N GLU B 227 -10.11 30.42 -12.76
CA GLU B 227 -9.99 31.08 -11.47
C GLU B 227 -11.23 31.91 -11.17
N GLU B 228 -11.82 32.52 -12.21
CA GLU B 228 -13.00 33.35 -12.08
C GLU B 228 -14.25 32.48 -11.85
N ALA B 229 -14.31 31.34 -12.54
CA ALA B 229 -15.40 30.39 -12.40
C ALA B 229 -15.42 29.81 -10.98
N HIS B 230 -14.26 29.41 -10.45
CA HIS B 230 -14.20 28.77 -9.11
C HIS B 230 -14.67 29.76 -8.06
N LYS B 231 -14.25 31.00 -8.19
CA LYS B 231 -14.59 32.04 -7.19
C LYS B 231 -16.09 32.34 -7.25
N ALA B 232 -16.65 32.46 -8.45
CA ALA B 232 -18.09 32.69 -8.60
C ALA B 232 -18.88 31.54 -7.97
N LEU B 233 -18.40 30.31 -8.16
CA LEU B 233 -19.09 29.13 -7.59
C LEU B 233 -19.02 29.17 -6.07
N CYS B 234 -17.89 29.62 -5.50
CA CYS B 234 -17.75 29.61 -4.05
C CYS B 234 -18.61 30.67 -3.35
N THR B 235 -19.17 31.63 -4.11
CA THR B 235 -20.09 32.61 -3.56
C THR B 235 -21.46 31.99 -3.28
N LEU B 236 -21.72 30.78 -3.79
CA LEU B 236 -23.02 30.14 -3.67
C LEU B 236 -23.15 29.41 -2.33
N PRO B 237 -24.34 29.46 -1.70
CA PRO B 237 -24.64 28.61 -0.54
C PRO B 237 -24.35 27.13 -0.77
N GLY B 238 -23.53 26.56 0.12
CA GLY B 238 -23.29 25.12 0.16
C GLY B 238 -22.16 24.67 -0.76
N VAL B 239 -21.54 25.65 -1.46
CA VAL B 239 -20.47 25.38 -2.40
C VAL B 239 -19.16 25.84 -1.77
N GLY B 240 -18.28 24.89 -1.47
CA GLY B 240 -16.91 25.16 -1.06
C GLY B 240 -15.90 24.91 -2.17
N ALA B 241 -14.62 24.97 -1.81
CA ALA B 241 -13.51 24.83 -2.74
C ALA B 241 -13.58 23.48 -3.48
N LYS B 242 -13.95 22.44 -2.74
CA LYS B 242 -13.99 21.08 -3.25
C LYS B 242 -15.09 20.93 -4.29
N VAL B 243 -16.30 21.36 -3.94
CA VAL B 243 -17.46 21.23 -4.81
C VAL B 243 -17.25 22.09 -6.07
N ALA B 244 -16.72 23.30 -5.91
CA ALA B 244 -16.51 24.22 -7.02
C ALA B 244 -15.51 23.64 -8.01
N ASP B 245 -14.53 22.89 -7.50
CA ASP B 245 -13.51 22.26 -8.35
C ASP B 245 -14.08 21.05 -9.08
N CYS B 246 -15.00 20.32 -8.44
CA CYS B 246 -15.71 19.26 -9.12
C CYS B 246 -16.49 19.81 -10.33
N ILE B 247 -17.27 20.85 -10.10
CA ILE B 247 -18.09 21.48 -11.12
C ILE B 247 -17.22 22.08 -12.23
N CYS B 248 -16.15 22.78 -11.86
CA CYS B 248 -15.24 23.36 -12.83
C CYS B 248 -14.69 22.30 -13.76
N LEU B 249 -14.29 21.16 -13.17
CA LEU B 249 -13.68 20.06 -13.91
C LEU B 249 -14.71 19.32 -14.78
N MET B 250 -15.93 19.16 -14.26
CA MET B 250 -16.88 18.21 -14.81
C MET B 250 -17.94 18.88 -15.68
N ALA B 251 -18.13 20.20 -15.55
CA ALA B 251 -19.19 20.89 -16.27
C ALA B 251 -18.72 22.20 -16.93
N LEU B 252 -17.63 22.79 -16.42
CA LEU B 252 -17.26 24.11 -16.88
C LEU B 252 -15.97 24.06 -17.69
N ASP B 253 -15.58 22.88 -18.20
CA ASP B 253 -14.48 22.74 -19.14
C ASP B 253 -13.19 23.35 -18.59
N LYS B 254 -12.88 23.02 -17.33
CA LYS B 254 -11.59 23.31 -16.72
C LYS B 254 -10.86 22.00 -16.44
N PRO B 255 -10.13 21.39 -17.41
CA PRO B 255 -9.45 20.11 -17.16
C PRO B 255 -8.33 20.17 -16.13
N GLN B 256 -7.94 21.39 -15.74
CA GLN B 256 -6.87 21.59 -14.77
C GLN B 256 -7.39 21.63 -13.33
N ALA B 257 -8.72 21.63 -13.13
CA ALA B 257 -9.26 21.72 -11.79
C ALA B 257 -8.99 20.40 -11.09
N VAL B 258 -8.44 20.51 -9.87
CA VAL B 258 -8.11 19.35 -9.05
C VAL B 258 -8.84 19.48 -7.70
N PRO B 259 -9.98 18.78 -7.50
CA PRO B 259 -10.74 18.84 -6.25
C PRO B 259 -9.96 18.20 -5.11
N VAL B 260 -9.75 18.95 -4.02
CA VAL B 260 -8.95 18.45 -2.92
C VAL B 260 -9.83 18.20 -1.69
N ASP B 261 -9.76 16.96 -1.19
CA ASP B 261 -10.40 16.60 0.07
C ASP B 261 -9.44 15.69 0.86
N VAL B 262 -9.94 15.00 1.87
CA VAL B 262 -9.08 14.20 2.78
C VAL B 262 -8.37 13.08 2.03
N HIS B 263 -9.08 12.37 1.15
CA HIS B 263 -8.47 11.22 0.45
C HIS B 263 -7.27 11.71 -0.37
N VAL B 264 -7.47 12.75 -1.17
CA VAL B 264 -6.39 13.32 -2.00
C VAL B 264 -5.26 13.74 -1.07
N TRP B 265 -5.54 14.34 0.07
CA TRP B 265 -4.47 14.73 1.00
C TRP B 265 -3.68 13.48 1.42
N GLN B 266 -4.36 12.37 1.63
CA GLN B 266 -3.70 11.12 2.10
C GLN B 266 -2.90 10.51 0.94
N ILE B 267 -3.49 10.42 -0.25
CA ILE B 267 -2.77 9.90 -1.44
C ILE B 267 -1.54 10.76 -1.66
N ALA B 268 -1.68 12.08 -1.55
CA ALA B 268 -0.53 12.93 -1.81
C ALA B 268 0.56 12.67 -0.79
N HIS B 269 0.17 12.58 0.50
CA HIS B 269 1.13 12.31 1.56
C HIS B 269 1.80 10.96 1.34
N ARG B 270 0.97 9.91 1.22
CA ARG B 270 1.46 8.54 1.16
C ARG B 270 2.29 8.28 -0.09
N ASP B 271 1.75 8.69 -1.25
CA ASP B 271 2.28 8.22 -2.51
C ASP B 271 3.27 9.20 -3.12
N TYR B 272 3.16 10.51 -2.80
CA TYR B 272 3.99 11.55 -3.40
C TYR B 272 4.89 12.21 -2.35
N GLY B 273 4.74 11.84 -1.07
CA GLY B 273 5.56 12.39 0.02
C GLY B 273 5.30 13.88 0.31
N TRP B 274 4.12 14.36 -0.02
CA TRP B 274 3.83 15.77 0.06
C TRP B 274 3.39 16.14 1.48
N HIS B 275 3.94 17.26 1.94
CA HIS B 275 3.50 17.97 3.13
C HIS B 275 3.30 19.44 2.72
N PRO B 276 2.37 20.14 3.40
CA PRO B 276 2.18 21.54 3.15
C PRO B 276 3.32 22.39 3.71
N LYS B 277 3.56 23.54 3.11
CA LYS B 277 4.56 24.48 3.66
C LYS B 277 3.90 25.16 4.85
N THR B 278 4.28 24.77 6.06
CA THR B 278 3.63 25.32 7.28
C THR B 278 2.15 24.96 7.25
N GLY B 283 -3.07 18.93 9.15
CA GLY B 283 -4.19 18.39 8.35
C GLY B 283 -4.63 19.39 7.28
N PRO B 284 -5.85 19.22 6.70
CA PRO B 284 -6.43 20.22 5.79
C PRO B 284 -6.53 21.67 6.32
N SER B 285 -6.34 22.61 5.38
CA SER B 285 -6.74 24.01 5.54
C SER B 285 -7.08 24.53 4.14
N PRO B 286 -7.89 25.61 4.02
CA PRO B 286 -8.15 26.23 2.72
C PRO B 286 -6.89 26.50 1.88
N LEU B 287 -5.84 26.99 2.54
CA LEU B 287 -4.60 27.40 1.92
C LEU B 287 -3.75 26.18 1.55
N ALA B 288 -3.70 25.18 2.42
CA ALA B 288 -2.97 23.94 2.14
C ALA B 288 -3.64 23.14 1.03
N ASN B 289 -4.97 23.15 0.98
CA ASN B 289 -5.73 22.51 -0.09
C ASN B 289 -5.42 23.18 -1.43
N LYS B 290 -5.41 24.51 -1.46
CA LYS B 290 -5.09 25.25 -2.66
C LYS B 290 -3.69 24.88 -3.16
N GLU B 291 -2.74 24.86 -2.24
CA GLU B 291 -1.36 24.49 -2.51
C GLU B 291 -1.29 23.07 -3.09
N LEU B 292 -2.10 22.14 -2.57
CA LEU B 292 -2.04 20.77 -3.07
C LEU B 292 -2.61 20.66 -4.50
N GLY B 293 -3.64 21.45 -4.83
CA GLY B 293 -4.14 21.49 -6.21
C GLY B 293 -3.08 21.98 -7.21
N ASN B 294 -2.38 23.06 -6.81
CA ASN B 294 -1.26 23.64 -7.55
C ASN B 294 -0.14 22.61 -7.74
N PHE B 295 0.12 21.82 -6.69
CA PHE B 295 1.14 20.78 -6.74
C PHE B 295 0.83 19.82 -7.88
N PHE B 296 -0.43 19.37 -7.95
CA PHE B 296 -0.80 18.38 -8.96
C PHE B 296 -0.85 18.99 -10.38
N ARG B 297 -1.23 20.25 -10.52
CA ARG B 297 -1.11 20.96 -11.81
C ARG B 297 0.35 21.05 -12.27
N ASN B 298 1.26 21.42 -11.37
CA ASN B 298 2.68 21.50 -11.69
C ASN B 298 3.20 20.16 -12.17
N LEU B 299 2.73 19.08 -11.54
CA LEU B 299 3.22 17.74 -11.84
C LEU B 299 2.63 17.20 -13.14
N TRP B 300 1.31 17.33 -13.33
CA TRP B 300 0.60 16.63 -14.39
C TRP B 300 0.31 17.51 -15.61
N GLY B 301 0.25 18.82 -15.41
CA GLY B 301 0.02 19.76 -16.49
C GLY B 301 -1.43 20.26 -16.58
N PRO B 302 -1.90 20.65 -17.78
CA PRO B 302 -3.20 21.32 -17.91
C PRO B 302 -4.42 20.39 -17.88
N TYR B 303 -4.20 19.06 -17.89
CA TYR B 303 -5.27 18.10 -17.70
C TYR B 303 -5.10 17.37 -16.35
N ALA B 304 -4.68 18.10 -15.31
CA ALA B 304 -4.38 17.53 -13.99
C ALA B 304 -5.60 16.87 -13.34
N GLY B 305 -6.80 17.48 -13.54
CA GLY B 305 -8.06 16.96 -13.01
C GLY B 305 -8.41 15.59 -13.59
N TRP B 306 -8.09 15.41 -14.88
CA TRP B 306 -8.34 14.14 -15.54
C TRP B 306 -7.41 13.08 -14.98
N ALA B 307 -6.17 13.49 -14.67
CA ALA B 307 -5.17 12.56 -14.17
C ALA B 307 -5.58 12.12 -12.77
N GLN B 308 -6.09 13.06 -12.01
CA GLN B 308 -6.58 12.75 -10.69
C GLN B 308 -7.71 11.71 -10.76
N ALA B 309 -8.66 11.87 -11.68
CA ALA B 309 -9.78 10.96 -11.82
C ALA B 309 -9.31 9.55 -12.14
N VAL B 310 -8.20 9.40 -12.83
CA VAL B 310 -7.69 8.02 -13.07
C VAL B 310 -7.24 7.41 -11.75
N LEU B 311 -6.54 8.17 -10.92
CA LEU B 311 -6.01 7.65 -9.64
C LEU B 311 -7.13 7.43 -8.63
N PHE B 312 -8.13 8.30 -8.63
CA PHE B 312 -9.29 8.17 -7.72
C PHE B 312 -10.03 6.88 -8.01
N SER B 313 -10.26 6.60 -9.29
CA SER B 313 -10.97 5.37 -9.71
C SER B 313 -10.17 4.17 -9.22
N ALA B 314 -8.86 4.26 -9.33
CA ALA B 314 -8.00 3.18 -8.81
C ALA B 314 -8.18 3.05 -7.29
N ASP B 315 -8.38 4.18 -6.60
CA ASP B 315 -8.49 4.14 -5.12
C ASP B 315 -9.93 3.78 -4.72
N LEU B 316 -10.80 3.57 -5.69
CA LEU B 316 -12.19 3.15 -5.38
C LEU B 316 -12.49 1.86 -6.17
N GLY C 1 34.62 -19.82 -39.71
CA GLY C 1 34.07 -20.52 -38.54
C GLY C 1 32.55 -20.57 -38.65
N SER C 2 31.89 -21.47 -37.91
CA SER C 2 30.45 -21.62 -38.04
C SER C 2 29.71 -20.52 -37.31
N HIS C 3 28.44 -20.37 -37.69
CA HIS C 3 27.54 -19.54 -36.92
C HIS C 3 27.48 -20.06 -35.47
N MET C 4 27.62 -19.13 -34.52
CA MET C 4 27.53 -19.44 -33.11
C MET C 4 26.29 -18.77 -32.53
N ARG C 5 25.62 -19.60 -31.74
CA ARG C 5 24.34 -19.27 -31.14
C ARG C 5 24.55 -19.20 -29.63
N HIS C 6 23.71 -18.39 -28.98
CA HIS C 6 23.62 -18.41 -27.53
C HIS C 6 23.16 -19.79 -27.07
N ARG C 7 23.78 -20.29 -25.99
CA ARG C 7 23.50 -21.61 -25.45
C ARG C 7 22.30 -21.56 -24.49
N THR C 8 21.62 -22.71 -24.39
CA THR C 8 20.74 -23.08 -23.30
C THR C 8 21.34 -24.32 -22.66
N LEU C 9 20.79 -24.71 -21.50
CA LEU C 9 21.32 -25.88 -20.77
C LEU C 9 20.99 -27.12 -21.60
N SER C 10 19.89 -27.07 -22.34
CA SER C 10 19.53 -28.18 -23.26
C SER C 10 20.63 -28.29 -24.32
N SER C 11 20.96 -27.17 -24.94
CA SER C 11 22.07 -27.15 -25.93
C SER C 11 23.42 -27.31 -25.22
N SER C 12 24.46 -27.64 -25.97
CA SER C 12 25.84 -27.72 -25.40
C SER C 12 25.88 -28.06 -23.91
N PRO C 13 25.31 -29.19 -23.44
CA PRO C 13 25.27 -29.48 -22.01
C PRO C 13 26.67 -29.64 -21.38
N ALA C 14 27.64 -30.09 -22.17
CA ALA C 14 28.99 -30.36 -21.62
C ALA C 14 29.82 -29.08 -21.62
N LEU C 15 29.25 -27.99 -22.13
CA LEU C 15 29.95 -26.72 -22.06
C LEU C 15 29.54 -25.87 -20.84
N TRP C 16 28.65 -26.40 -19.99
CA TRP C 16 28.25 -25.74 -18.76
C TRP C 16 29.02 -26.31 -17.57
N ALA C 17 29.44 -25.43 -16.65
CA ALA C 17 29.84 -25.83 -15.30
C ALA C 17 28.80 -25.33 -14.31
N SER C 18 28.93 -25.74 -13.04
CA SER C 18 27.98 -25.30 -12.02
C SER C 18 28.73 -24.86 -10.77
N ILE C 19 28.13 -23.88 -10.08
CA ILE C 19 28.49 -23.51 -8.73
C ILE C 19 27.30 -23.85 -7.83
N PRO C 20 27.53 -24.58 -6.70
CA PRO C 20 26.47 -24.83 -5.72
C PRO C 20 26.04 -23.52 -5.09
N CYS C 21 24.75 -23.17 -5.27
CA CYS C 21 24.28 -21.83 -4.98
C CYS C 21 22.76 -21.82 -4.93
N PRO C 22 22.16 -21.75 -3.71
CA PRO C 22 20.71 -21.76 -3.58
C PRO C 22 20.06 -20.51 -4.22
N ARG C 23 18.85 -20.67 -4.74
CA ARG C 23 18.08 -19.55 -5.28
C ARG C 23 17.65 -18.58 -4.16
N SER C 24 17.97 -18.90 -2.90
CA SER C 24 17.73 -18.00 -1.78
C SER C 24 18.94 -17.09 -1.53
N GLU C 25 20.10 -17.49 -2.07
CA GLU C 25 21.32 -16.70 -1.98
C GLU C 25 21.50 -15.77 -3.19
N LEU C 26 20.80 -16.07 -4.31
CA LEU C 26 20.92 -15.29 -5.53
C LEU C 26 19.77 -15.60 -6.50
N ARG C 27 19.00 -14.58 -6.85
CA ARG C 27 18.09 -14.67 -7.98
C ARG C 27 18.64 -13.79 -9.10
N LEU C 28 19.03 -14.43 -10.21
CA LEU C 28 19.56 -13.73 -11.37
C LEU C 28 18.57 -12.67 -11.86
N ASP C 29 17.28 -13.02 -11.91
CA ASP C 29 16.30 -12.14 -12.49
C ASP C 29 16.08 -10.88 -11.66
N LEU C 30 16.43 -10.89 -10.37
CA LEU C 30 16.29 -9.72 -9.51
C LEU C 30 17.58 -8.91 -9.43
N VAL C 31 18.69 -9.46 -9.91
CA VAL C 31 20.02 -8.88 -9.74
C VAL C 31 20.59 -8.36 -11.06
N LEU C 32 20.41 -9.11 -12.16
CA LEU C 32 21.15 -8.82 -13.38
C LEU C 32 20.61 -7.64 -14.18
N ALA C 33 19.31 -7.33 -14.06
CA ALA C 33 18.72 -6.19 -14.79
C ALA C 33 17.99 -5.23 -13.84
N SER C 34 18.49 -5.14 -12.61
CA SER C 34 17.94 -4.32 -11.54
C SER C 34 18.62 -2.95 -11.47
N GLY C 35 19.40 -2.54 -12.48
CA GLY C 35 20.09 -1.26 -12.44
C GLY C 35 21.37 -1.26 -11.59
N GLN C 36 22.02 -2.42 -11.45
CA GLN C 36 23.37 -2.51 -10.92
C GLN C 36 24.36 -2.55 -12.09
N SER C 37 24.23 -3.62 -12.89
CA SER C 37 24.88 -3.80 -14.19
C SER C 37 23.85 -3.59 -15.29
N PHE C 38 24.31 -3.08 -16.44
CA PHE C 38 23.44 -2.79 -17.59
C PHE C 38 23.77 -3.67 -18.80
N ARG C 39 24.53 -4.75 -18.57
CA ARG C 39 25.17 -5.52 -19.64
C ARG C 39 24.61 -6.93 -19.77
N TRP C 40 23.57 -7.25 -18.99
CA TRP C 40 22.98 -8.58 -18.97
C TRP C 40 21.62 -8.54 -19.64
N LYS C 41 21.39 -9.48 -20.56
CA LYS C 41 20.12 -9.61 -21.25
C LYS C 41 19.70 -11.08 -21.24
N GLU C 42 18.38 -11.28 -21.05
CA GLU C 42 17.80 -12.60 -21.02
C GLU C 42 17.51 -13.02 -22.47
N GLN C 43 18.52 -13.59 -23.15
CA GLN C 43 18.44 -13.77 -24.61
C GLN C 43 17.51 -14.92 -24.96
N SER C 44 17.39 -15.93 -24.09
CA SER C 44 16.27 -16.87 -24.08
C SER C 44 15.77 -17.05 -22.64
N PRO C 45 14.50 -17.47 -22.41
CA PRO C 45 13.94 -17.59 -21.05
C PRO C 45 14.88 -18.21 -20.01
N ALA C 46 15.12 -17.47 -18.91
CA ALA C 46 15.89 -17.91 -17.75
C ALA C 46 17.39 -18.08 -18.05
N HIS C 47 17.85 -17.53 -19.19
CA HIS C 47 19.25 -17.62 -19.61
C HIS C 47 19.78 -16.20 -19.86
N TRP C 48 20.71 -15.75 -19.00
CA TRP C 48 21.22 -14.39 -19.05
C TRP C 48 22.60 -14.34 -19.71
N SER C 49 22.74 -13.48 -20.73
CA SER C 49 24.02 -13.34 -21.41
C SER C 49 24.59 -11.93 -21.22
N GLY C 50 25.90 -11.85 -21.00
CA GLY C 50 26.51 -10.54 -20.89
C GLY C 50 28.03 -10.64 -20.80
N VAL C 51 28.69 -9.48 -20.86
CA VAL C 51 30.14 -9.45 -20.90
C VAL C 51 30.68 -9.26 -19.49
N LEU C 52 31.67 -10.11 -19.14
CA LEU C 52 32.47 -9.97 -17.94
C LEU C 52 33.95 -9.92 -18.32
N ALA C 53 34.53 -8.72 -18.17
CA ALA C 53 35.95 -8.46 -18.33
C ALA C 53 36.49 -9.09 -19.62
N ASP C 54 35.83 -8.81 -20.75
CA ASP C 54 36.31 -9.18 -22.08
C ASP C 54 36.13 -10.67 -22.42
N GLN C 55 35.12 -11.31 -21.80
CA GLN C 55 34.58 -12.59 -22.23
C GLN C 55 33.07 -12.55 -22.08
N VAL C 56 32.36 -13.29 -22.93
CA VAL C 56 30.90 -13.39 -22.85
C VAL C 56 30.53 -14.65 -22.07
N TRP C 57 29.44 -14.53 -21.27
CA TRP C 57 28.94 -15.62 -20.45
C TRP C 57 27.43 -15.75 -20.65
N THR C 58 26.93 -16.99 -20.47
CA THR C 58 25.50 -17.22 -20.26
C THR C 58 25.33 -17.92 -18.93
N LEU C 59 24.32 -17.42 -18.18
CA LEU C 59 24.03 -17.82 -16.81
C LEU C 59 22.56 -18.25 -16.69
N THR C 60 22.34 -19.29 -15.88
CA THR C 60 21.01 -19.77 -15.54
C THR C 60 21.13 -20.54 -14.23
N GLN C 61 20.00 -20.75 -13.53
CA GLN C 61 20.03 -21.47 -12.26
C GLN C 61 18.83 -22.40 -12.08
N THR C 62 19.03 -23.44 -11.25
CA THR C 62 17.96 -24.22 -10.64
C THR C 62 17.76 -23.76 -9.18
N GLU C 63 16.99 -24.53 -8.38
CA GLU C 63 16.79 -24.25 -6.96
C GLU C 63 18.12 -24.29 -6.21
N ASP C 64 19.02 -25.22 -6.58
CA ASP C 64 20.23 -25.44 -5.81
C ASP C 64 21.50 -25.09 -6.57
N GLN C 65 21.44 -24.86 -7.90
CA GLN C 65 22.65 -24.73 -8.71
C GLN C 65 22.62 -23.45 -9.56
N LEU C 66 23.79 -22.79 -9.64
CA LEU C 66 24.11 -21.76 -10.63
C LEU C 66 24.87 -22.38 -11.80
N TYR C 67 24.23 -22.42 -12.98
CA TYR C 67 24.87 -22.98 -14.17
C TYR C 67 25.42 -21.85 -15.02
N CYS C 68 26.64 -22.03 -15.54
CA CYS C 68 27.27 -20.99 -16.33
C CYS C 68 28.07 -21.59 -17.49
N THR C 69 28.22 -20.78 -18.54
CA THR C 69 29.00 -21.15 -19.72
C THR C 69 29.71 -19.91 -20.24
N VAL C 70 30.94 -20.10 -20.72
CA VAL C 70 31.75 -18.98 -21.22
C VAL C 70 31.98 -19.18 -22.72
N TYR C 71 32.05 -18.06 -23.46
CA TYR C 71 32.28 -18.13 -24.89
C TYR C 71 33.66 -17.64 -25.30
N ARG C 72 34.35 -18.58 -25.97
CA ARG C 72 35.57 -18.43 -26.73
C ARG C 72 35.18 -18.60 -28.21
N GLY C 73 35.82 -17.84 -29.12
CA GLY C 73 35.46 -17.81 -30.53
C GLY C 73 35.79 -19.11 -31.27
N ASP C 74 36.65 -19.97 -30.69
CA ASP C 74 37.15 -21.18 -31.35
C ASP C 74 36.04 -22.24 -31.38
N VAL C 78 36.70 -24.74 -27.91
CA VAL C 78 35.54 -24.42 -27.01
C VAL C 78 35.52 -25.42 -25.86
N SER C 79 35.42 -24.93 -24.61
CA SER C 79 35.33 -25.81 -23.44
C SER C 79 34.58 -25.15 -22.28
N ARG C 80 34.24 -25.97 -21.27
CA ARG C 80 33.65 -25.53 -20.03
C ARG C 80 34.46 -24.39 -19.40
N PRO C 81 33.83 -23.56 -18.53
CA PRO C 81 34.60 -22.64 -17.68
C PRO C 81 35.64 -23.36 -16.84
N THR C 82 36.83 -22.74 -16.71
CA THR C 82 37.91 -23.28 -15.89
C THR C 82 37.61 -23.03 -14.42
N LEU C 83 38.46 -23.56 -13.55
CA LEU C 83 38.37 -23.32 -12.12
C LEU C 83 38.53 -21.83 -11.82
N GLU C 84 39.52 -21.18 -12.46
CA GLU C 84 39.84 -19.77 -12.26
C GLU C 84 38.70 -18.86 -12.72
N GLU C 85 38.11 -19.20 -13.87
CA GLU C 85 36.97 -18.50 -14.41
C GLU C 85 35.74 -18.65 -13.50
N LEU C 86 35.58 -19.80 -12.85
CA LEU C 86 34.47 -20.03 -11.93
C LEU C 86 34.64 -19.23 -10.64
N GLU C 87 35.90 -18.98 -10.21
CA GLU C 87 36.22 -18.17 -9.05
C GLU C 87 35.94 -16.70 -9.34
N THR C 88 36.27 -16.25 -10.56
CA THR C 88 35.96 -14.90 -11.03
C THR C 88 34.48 -14.58 -10.83
N LEU C 89 33.64 -15.55 -11.19
CA LEU C 89 32.19 -15.44 -11.12
C LEU C 89 31.69 -15.46 -9.68
N HIS C 90 32.31 -16.29 -8.85
CA HIS C 90 32.03 -16.37 -7.42
C HIS C 90 32.30 -15.01 -6.76
N LYS C 91 33.36 -14.32 -7.18
CA LYS C 91 33.72 -13.01 -6.65
C LYS C 91 32.77 -11.94 -7.16
N TYR C 92 32.29 -12.09 -8.41
CA TYR C 92 31.36 -11.15 -9.04
C TYR C 92 30.03 -11.15 -8.27
N PHE C 93 29.58 -12.34 -7.84
CA PHE C 93 28.35 -12.46 -7.09
C PHE C 93 28.59 -12.40 -5.58
N GLN C 94 29.85 -12.22 -5.16
CA GLN C 94 30.25 -12.06 -3.77
C GLN C 94 29.66 -13.18 -2.94
N LEU C 95 29.86 -14.43 -3.38
CA LEU C 95 29.10 -15.53 -2.81
C LEU C 95 29.66 -15.97 -1.45
N ASP C 96 30.84 -15.43 -1.07
CA ASP C 96 31.37 -15.58 0.28
C ASP C 96 30.38 -15.05 1.32
N VAL C 97 29.64 -13.99 0.93
CA VAL C 97 28.74 -13.28 1.81
C VAL C 97 27.42 -14.04 1.92
N SER C 98 27.04 -14.37 3.16
CA SER C 98 25.80 -15.07 3.41
C SER C 98 24.65 -14.07 3.45
N LEU C 99 23.65 -14.31 2.60
CA LEU C 99 22.50 -13.44 2.46
C LEU C 99 21.41 -13.85 3.44
N ALA C 100 21.33 -15.15 3.76
CA ALA C 100 20.43 -15.66 4.78
C ALA C 100 20.76 -15.03 6.13
N GLN C 101 22.06 -14.88 6.45
CA GLN C 101 22.53 -14.22 7.66
C GLN C 101 22.19 -12.74 7.64
N LEU C 102 22.35 -12.06 6.50
CA LEU C 102 22.05 -10.63 6.42
C LEU C 102 20.55 -10.39 6.54
N TYR C 103 19.75 -11.17 5.82
CA TYR C 103 18.30 -11.06 5.85
C TYR C 103 17.77 -11.26 7.28
N SER C 104 18.35 -12.19 8.05
CA SER C 104 18.01 -12.43 9.44
C SER C 104 18.33 -11.20 10.32
N HIS C 105 19.52 -10.62 10.14
CA HIS C 105 19.93 -9.47 10.91
C HIS C 105 19.03 -8.28 10.59
N TRP C 106 18.65 -8.13 9.31
CA TRP C 106 17.86 -6.98 8.90
C TRP C 106 16.44 -7.13 9.43
N ALA C 107 15.89 -8.37 9.37
CA ALA C 107 14.57 -8.67 9.88
C ALA C 107 14.46 -8.41 11.38
N SER C 108 15.55 -8.63 12.12
CA SER C 108 15.53 -8.53 13.57
C SER C 108 15.46 -7.06 14.00
N VAL C 109 15.94 -6.12 13.17
CA VAL C 109 16.03 -4.71 13.56
C VAL C 109 15.00 -3.84 12.84
N ASP C 110 14.19 -4.44 11.96
CA ASP C 110 13.35 -3.69 11.03
C ASP C 110 12.12 -4.53 10.70
N SER C 111 10.99 -4.12 11.28
CA SER C 111 9.71 -4.78 11.10
C SER C 111 9.28 -4.77 9.63
N HIS C 112 9.52 -3.64 8.94
CA HIS C 112 9.10 -3.49 7.55
C HIS C 112 9.85 -4.48 6.66
N PHE C 113 11.17 -4.57 6.85
CA PHE C 113 11.97 -5.54 6.14
C PHE C 113 11.45 -6.95 6.38
N GLN C 114 11.13 -7.28 7.61
CA GLN C 114 10.67 -8.67 7.86
C GLN C 114 9.41 -8.91 7.04
N ARG C 115 8.39 -8.08 7.19
CA ARG C 115 7.09 -8.38 6.55
C ARG C 115 7.09 -8.11 5.04
N VAL C 116 8.19 -7.63 4.47
CA VAL C 116 8.11 -7.29 3.02
C VAL C 116 9.22 -8.00 2.23
N ALA C 117 10.45 -7.98 2.73
CA ALA C 117 11.57 -8.55 1.96
C ALA C 117 11.76 -10.04 2.23
N GLN C 118 10.83 -10.86 1.77
CA GLN C 118 10.95 -12.32 1.93
C GLN C 118 10.56 -12.92 0.59
N LYS C 119 9.55 -12.36 -0.05
CA LYS C 119 9.20 -12.81 -1.42
C LYS C 119 10.30 -12.30 -2.33
N PHE C 120 11.18 -11.44 -1.80
CA PHE C 120 12.29 -10.89 -2.60
C PHE C 120 13.58 -11.42 -2.02
N GLN C 121 13.76 -12.74 -2.12
CA GLN C 121 14.99 -13.38 -1.61
C GLN C 121 15.99 -13.48 -2.74
N GLY C 122 17.27 -13.45 -2.43
CA GLY C 122 18.31 -13.65 -3.42
C GLY C 122 18.76 -12.34 -4.06
N VAL C 123 18.44 -11.21 -3.41
CA VAL C 123 18.92 -9.93 -3.89
C VAL C 123 20.21 -9.60 -3.17
N ARG C 124 21.29 -9.64 -3.96
CA ARG C 124 22.64 -9.29 -3.46
C ARG C 124 23.27 -8.30 -4.43
N LEU C 125 24.49 -7.89 -4.11
CA LEU C 125 25.15 -6.88 -4.97
C LEU C 125 26.34 -7.50 -5.69
N LEU C 126 26.47 -7.21 -6.98
CA LEU C 126 27.59 -7.73 -7.78
C LEU C 126 28.82 -6.87 -7.51
N ARG C 127 30.00 -7.48 -7.57
CA ARG C 127 31.26 -6.70 -7.44
C ARG C 127 31.69 -6.35 -8.85
N GLN C 128 31.47 -5.11 -9.25
CA GLN C 128 31.76 -4.70 -10.60
C GLN C 128 33.19 -4.16 -10.71
N ASP C 129 33.70 -4.23 -11.94
CA ASP C 129 34.87 -3.48 -12.34
C ASP C 129 34.58 -2.00 -12.10
N PRO C 130 35.46 -1.27 -11.37
CA PRO C 130 35.23 0.14 -11.06
C PRO C 130 35.16 1.05 -12.29
N THR C 131 35.99 0.78 -13.30
CA THR C 131 36.02 1.62 -14.48
C THR C 131 34.65 1.53 -15.15
N GLU C 132 34.20 0.30 -15.38
CA GLU C 132 32.93 0.07 -16.05
C GLU C 132 31.81 0.70 -15.25
N CYS C 133 31.81 0.51 -13.93
CA CYS C 133 30.69 1.00 -13.11
C CYS C 133 30.60 2.53 -13.19
N LEU C 134 31.71 3.22 -12.95
CA LEU C 134 31.72 4.70 -12.92
C LEU C 134 31.19 5.29 -14.23
N PHE C 135 31.75 4.84 -15.35
CA PHE C 135 31.36 5.40 -16.66
C PHE C 135 29.94 4.98 -16.99
N SER C 136 29.55 3.77 -16.59
CA SER C 136 28.15 3.41 -16.78
C SER C 136 27.26 4.40 -16.02
N PHE C 137 27.66 4.79 -14.81
CA PHE C 137 26.79 5.63 -13.99
C PHE C 137 26.93 7.10 -14.39
N ILE C 138 28.01 7.51 -15.05
CA ILE C 138 28.17 8.97 -15.34
C ILE C 138 27.60 9.29 -16.71
N CYS C 139 27.37 8.28 -17.55
CA CYS C 139 26.98 8.54 -18.97
C CYS C 139 25.55 9.06 -19.12
N SER C 140 24.73 9.01 -18.08
CA SER C 140 23.33 9.42 -18.32
C SER C 140 22.69 10.08 -17.09
N SER C 141 21.47 10.56 -17.25
CA SER C 141 20.71 11.18 -16.13
C SER C 141 20.32 10.06 -15.17
N ASN C 142 20.54 8.81 -15.57
CA ASN C 142 20.21 7.66 -14.70
C ASN C 142 18.69 7.69 -14.45
N ASN C 143 17.96 8.30 -15.38
CA ASN C 143 16.49 8.42 -15.25
C ASN C 143 15.86 7.03 -15.42
N ASN C 144 16.25 6.30 -16.47
CA ASN C 144 15.62 4.99 -16.77
C ASN C 144 16.70 3.95 -17.08
N ILE C 145 16.49 2.71 -16.65
CA ILE C 145 17.45 1.60 -16.92
C ILE C 145 17.56 1.36 -18.42
N ALA C 146 16.43 1.25 -19.11
CA ALA C 146 16.44 0.97 -20.55
C ALA C 146 17.33 1.99 -21.25
N ARG C 147 17.14 3.27 -20.94
CA ARG C 147 17.95 4.27 -21.64
C ARG C 147 19.43 4.11 -21.30
N ILE C 148 19.75 3.80 -20.02
CA ILE C 148 21.14 3.63 -19.61
C ILE C 148 21.71 2.42 -20.35
N THR C 149 20.92 1.34 -20.42
CA THR C 149 21.29 0.11 -21.11
C THR C 149 21.70 0.40 -22.56
N GLY C 150 20.88 1.22 -23.26
CA GLY C 150 21.11 1.63 -24.64
C GLY C 150 22.45 2.36 -24.80
N MET C 151 22.68 3.35 -23.94
CA MET C 151 23.87 4.20 -23.99
C MET C 151 25.15 3.39 -23.76
N VAL C 152 25.10 2.40 -22.86
CA VAL C 152 26.25 1.62 -22.48
C VAL C 152 26.59 0.65 -23.62
N GLU C 153 25.56 0.03 -24.17
CA GLU C 153 25.74 -0.86 -25.30
C GLU C 153 26.41 -0.11 -26.46
N ARG C 154 25.86 1.07 -26.82
CA ARG C 154 26.39 1.81 -27.96
C ARG C 154 27.80 2.34 -27.64
N LEU C 155 28.05 2.70 -26.37
CA LEU C 155 29.37 3.14 -25.94
C LEU C 155 30.41 2.03 -26.12
N CYS C 156 30.02 0.78 -25.83
CA CYS C 156 30.96 -0.35 -25.93
C CYS C 156 31.20 -0.70 -27.40
N GLN C 157 30.16 -0.58 -28.24
CA GLN C 157 30.28 -0.84 -29.67
C GLN C 157 31.24 0.15 -30.33
N ALA C 158 31.11 1.45 -30.01
CA ALA C 158 31.93 2.47 -30.63
C ALA C 158 33.35 2.48 -30.09
N PHE C 159 33.57 2.15 -28.80
CA PHE C 159 34.86 2.44 -28.17
C PHE C 159 35.59 1.20 -27.65
N GLY C 160 34.87 0.09 -27.49
CA GLY C 160 35.45 -1.09 -26.87
C GLY C 160 35.75 -2.17 -27.91
N PRO C 161 36.67 -3.11 -27.54
CA PRO C 161 37.10 -4.14 -28.49
C PRO C 161 35.98 -5.15 -28.78
N ARG C 162 35.84 -5.52 -30.06
CA ARG C 162 34.92 -6.58 -30.46
C ARG C 162 35.41 -7.90 -29.86
N LEU C 163 34.48 -8.63 -29.26
CA LEU C 163 34.84 -9.87 -28.56
C LEU C 163 34.34 -11.08 -29.34
N ILE C 164 33.09 -11.07 -29.77
CA ILE C 164 32.52 -12.29 -30.40
C ILE C 164 31.10 -11.97 -30.88
N GLN C 165 30.54 -12.84 -31.71
CA GLN C 165 29.16 -12.65 -32.15
C GLN C 165 28.34 -13.89 -31.81
N LEU C 166 27.17 -13.69 -31.20
CA LEU C 166 26.27 -14.80 -30.85
C LEU C 166 24.90 -14.44 -31.41
N ASP C 167 24.34 -15.29 -32.24
CA ASP C 167 23.08 -14.96 -32.94
C ASP C 167 23.33 -13.66 -33.72
N ASP C 168 22.49 -12.64 -33.62
CA ASP C 168 22.81 -11.38 -34.35
C ASP C 168 23.28 -10.32 -33.36
N VAL C 169 23.94 -10.76 -32.30
CA VAL C 169 24.44 -9.84 -31.29
C VAL C 169 25.97 -9.83 -31.32
N THR C 170 26.54 -8.65 -31.57
CA THR C 170 27.97 -8.43 -31.47
C THR C 170 28.29 -7.87 -30.08
N TYR C 171 29.20 -8.56 -29.38
CA TYR C 171 29.56 -8.24 -28.02
C TYR C 171 30.91 -7.53 -28.04
N HIS C 172 30.97 -6.44 -27.27
CA HIS C 172 32.16 -5.64 -27.12
C HIS C 172 32.54 -5.56 -25.65
N GLY C 173 33.85 -5.55 -25.39
CA GLY C 173 34.38 -5.27 -24.06
C GLY C 173 34.15 -3.82 -23.68
N PHE C 174 34.21 -3.53 -22.38
CA PHE C 174 34.05 -2.13 -21.93
C PHE C 174 35.27 -1.32 -22.35
N PRO C 175 35.07 -0.09 -22.87
CA PRO C 175 36.16 0.77 -23.27
C PRO C 175 37.25 1.03 -22.22
N ASN C 176 38.50 1.12 -22.65
CA ASN C 176 39.60 1.48 -21.73
C ASN C 176 39.62 2.99 -21.60
N LEU C 177 40.24 3.51 -20.56
CA LEU C 177 40.26 4.97 -20.34
C LEU C 177 40.91 5.67 -21.54
N HIS C 178 41.98 5.06 -22.06
CA HIS C 178 42.68 5.65 -23.24
C HIS C 178 41.68 5.88 -24.37
N ALA C 179 40.78 4.92 -24.58
CA ALA C 179 39.79 5.08 -25.64
C ALA C 179 38.84 6.24 -25.35
N LEU C 180 38.53 6.43 -24.07
CA LEU C 180 37.57 7.42 -23.61
C LEU C 180 38.23 8.79 -23.45
N ALA C 181 39.56 8.86 -23.41
CA ALA C 181 40.28 10.07 -23.08
C ALA C 181 40.78 10.81 -24.33
N GLY C 182 40.71 10.17 -25.51
CA GLY C 182 41.36 10.66 -26.71
C GLY C 182 40.76 11.98 -27.20
N PRO C 183 41.43 12.73 -28.10
CA PRO C 183 41.02 14.09 -28.46
C PRO C 183 39.58 14.28 -28.96
N GLU C 184 39.07 13.34 -29.77
CA GLU C 184 37.73 13.46 -30.35
C GLU C 184 36.77 12.46 -29.69
N ALA C 185 37.16 11.99 -28.50
CA ALA C 185 36.33 11.07 -27.72
C ALA C 185 34.98 11.72 -27.39
N GLU C 186 35.00 12.99 -26.98
CA GLU C 186 33.80 13.74 -26.64
C GLU C 186 32.88 13.93 -27.85
N THR C 187 33.46 14.34 -28.99
CA THR C 187 32.69 14.51 -30.22
C THR C 187 31.98 13.20 -30.56
N HIS C 188 32.72 12.08 -30.53
CA HIS C 188 32.16 10.78 -30.87
C HIS C 188 31.04 10.43 -29.87
N LEU C 189 31.32 10.57 -28.56
CA LEU C 189 30.35 10.23 -27.52
C LEU C 189 29.07 11.08 -27.67
N ARG C 190 29.20 12.35 -28.08
CA ARG C 190 28.05 13.21 -28.29
C ARG C 190 27.22 12.65 -29.45
N LYS C 191 27.90 12.18 -30.51
CA LYS C 191 27.25 11.55 -31.64
C LYS C 191 26.42 10.33 -31.18
N LEU C 192 26.87 9.64 -30.13
CA LEU C 192 26.18 8.46 -29.62
C LEU C 192 25.04 8.82 -28.65
N GLY C 193 24.72 10.12 -28.49
CA GLY C 193 23.51 10.52 -27.79
C GLY C 193 23.70 10.87 -26.31
N LEU C 194 24.95 10.97 -25.83
CA LEU C 194 25.25 11.19 -24.41
C LEU C 194 24.97 12.64 -23.98
N GLY C 195 24.90 13.56 -24.94
CA GLY C 195 24.66 14.97 -24.63
C GLY C 195 25.88 15.57 -23.92
N TYR C 196 25.62 16.46 -22.96
CA TYR C 196 26.70 17.21 -22.33
C TYR C 196 27.57 16.29 -21.45
N ARG C 197 27.03 15.14 -21.04
CA ARG C 197 27.76 14.24 -20.14
C ARG C 197 28.89 13.53 -20.89
N ALA C 198 28.94 13.63 -22.23
CA ALA C 198 30.11 13.23 -23.00
C ALA C 198 31.39 13.97 -22.53
N ARG C 199 31.27 15.21 -22.05
CA ARG C 199 32.42 15.98 -21.56
C ARG C 199 32.98 15.35 -20.27
N TYR C 200 32.09 14.96 -19.36
CA TYR C 200 32.46 14.44 -18.05
C TYR C 200 33.12 13.06 -18.18
N VAL C 201 32.56 12.23 -19.07
CA VAL C 201 33.15 10.93 -19.40
C VAL C 201 34.60 11.11 -19.83
N ARG C 202 34.83 11.95 -20.84
CA ARG C 202 36.15 12.15 -21.38
C ARG C 202 37.06 12.77 -20.34
N ALA C 203 36.60 13.82 -19.67
CA ALA C 203 37.42 14.52 -18.68
C ALA C 203 37.81 13.58 -17.52
N SER C 204 36.85 12.73 -17.07
CA SER C 204 37.14 11.82 -15.97
C SER C 204 38.15 10.75 -16.40
N ALA C 205 38.00 10.24 -17.63
CA ALA C 205 38.92 9.26 -18.18
C ALA C 205 40.33 9.85 -18.27
N LYS C 206 40.41 11.09 -18.73
CA LYS C 206 41.67 11.81 -18.83
C LYS C 206 42.31 11.96 -17.46
N ALA C 207 41.53 12.47 -16.49
CA ALA C 207 42.03 12.73 -15.15
C ALA C 207 42.63 11.46 -14.54
N ILE C 208 41.91 10.34 -14.62
CA ILE C 208 42.36 9.11 -13.98
C ILE C 208 43.67 8.64 -14.65
N LEU C 209 43.74 8.76 -15.97
CA LEU C 209 44.93 8.35 -16.71
C LEU C 209 46.16 9.19 -16.32
N GLU C 210 46.03 10.51 -16.47
CA GLU C 210 47.16 11.43 -16.49
C GLU C 210 47.52 11.88 -15.07
N GLU C 211 46.51 12.04 -14.19
CA GLU C 211 46.73 12.64 -12.89
C GLU C 211 46.73 11.60 -11.78
N GLN C 212 46.29 10.36 -12.07
CA GLN C 212 46.10 9.38 -11.00
C GLN C 212 46.79 8.04 -11.30
N GLY C 213 47.32 7.86 -12.53
CA GLY C 213 48.15 6.70 -12.84
C GLY C 213 47.36 5.50 -13.40
N GLY C 214 46.18 5.74 -13.98
CA GLY C 214 45.38 4.68 -14.56
C GLY C 214 44.44 4.04 -13.54
N PRO C 215 43.78 2.92 -13.92
CA PRO C 215 42.78 2.27 -13.07
C PRO C 215 43.28 1.65 -11.76
N ALA C 216 44.60 1.52 -11.56
CA ALA C 216 45.11 1.11 -10.25
C ALA C 216 44.70 2.11 -9.15
N TRP C 217 44.38 3.36 -9.55
CA TRP C 217 43.85 4.34 -8.61
C TRP C 217 42.51 3.91 -8.01
N LEU C 218 41.63 3.38 -8.84
CA LEU C 218 40.29 3.00 -8.35
C LEU C 218 40.42 1.73 -7.52
N GLN C 219 41.41 0.90 -7.79
CA GLN C 219 41.64 -0.33 -6.99
C GLN C 219 42.04 0.08 -5.56
N GLN C 220 42.77 1.18 -5.43
CA GLN C 220 43.22 1.65 -4.11
C GLN C 220 42.02 2.23 -3.34
N LEU C 221 41.06 2.80 -4.06
CA LEU C 221 39.84 3.29 -3.37
C LEU C 221 39.10 2.08 -2.81
N ARG C 222 39.27 0.92 -3.42
CA ARG C 222 38.56 -0.30 -2.99
C ARG C 222 39.13 -0.76 -1.65
N VAL C 223 40.40 -0.44 -1.39
CA VAL C 223 40.95 -0.80 -0.09
C VAL C 223 40.97 0.42 0.85
N ALA C 224 40.81 1.64 0.33
CA ALA C 224 40.60 2.80 1.18
C ALA C 224 39.28 2.68 1.97
N PRO C 225 39.11 3.40 3.10
CA PRO C 225 37.83 3.41 3.82
C PRO C 225 36.74 4.15 3.04
N TYR C 226 35.48 3.74 3.26
CA TYR C 226 34.29 4.28 2.59
C TYR C 226 34.37 5.80 2.41
N GLU C 227 34.68 6.52 3.50
CA GLU C 227 34.55 7.98 3.51
C GLU C 227 35.59 8.62 2.60
N GLU C 228 36.78 8.01 2.53
CA GLU C 228 37.86 8.52 1.69
C GLU C 228 37.59 8.22 0.21
N ALA C 229 36.87 7.14 -0.06
CA ALA C 229 36.61 6.75 -1.46
C ALA C 229 35.49 7.61 -2.05
N HIS C 230 34.48 7.93 -1.25
CA HIS C 230 33.34 8.76 -1.71
C HIS C 230 33.83 10.17 -2.06
N LYS C 231 34.63 10.76 -1.17
CA LYS C 231 35.15 12.13 -1.40
C LYS C 231 36.10 12.09 -2.58
N ALA C 232 36.81 10.97 -2.72
CA ALA C 232 37.77 10.83 -3.85
C ALA C 232 37.00 10.78 -5.17
N LEU C 233 35.87 10.08 -5.18
CA LEU C 233 35.05 10.00 -6.41
C LEU C 233 34.38 11.34 -6.67
N CYS C 234 33.99 12.07 -5.62
CA CYS C 234 33.25 13.31 -5.84
C CYS C 234 34.13 14.43 -6.42
N THR C 235 35.45 14.22 -6.43
CA THR C 235 36.45 15.07 -7.08
C THR C 235 36.28 15.08 -8.60
N LEU C 236 35.67 14.01 -9.15
CA LEU C 236 35.70 13.73 -10.58
C LEU C 236 34.59 14.49 -11.30
N PRO C 237 34.86 15.03 -12.51
CA PRO C 237 33.81 15.62 -13.35
C PRO C 237 32.61 14.70 -13.56
N GLY C 238 31.43 15.23 -13.23
CA GLY C 238 30.17 14.57 -13.50
C GLY C 238 29.77 13.57 -12.41
N VAL C 239 30.59 13.45 -11.36
CA VAL C 239 30.33 12.53 -10.26
C VAL C 239 29.87 13.32 -9.04
N GLY C 240 28.60 13.08 -8.66
CA GLY C 240 28.03 13.61 -7.43
C GLY C 240 27.89 12.55 -6.34
N ALA C 241 27.27 12.96 -5.22
CA ALA C 241 27.17 12.15 -4.02
C ALA C 241 26.43 10.84 -4.31
N LYS C 242 25.40 10.91 -5.17
CA LYS C 242 24.55 9.76 -5.45
C LYS C 242 25.35 8.71 -6.24
N VAL C 243 25.99 9.17 -7.33
CA VAL C 243 26.73 8.27 -8.19
C VAL C 243 27.92 7.68 -7.43
N ALA C 244 28.63 8.49 -6.63
CA ALA C 244 29.78 8.04 -5.85
C ALA C 244 29.39 6.93 -4.86
N ASP C 245 28.17 7.03 -4.30
CA ASP C 245 27.65 6.01 -3.39
C ASP C 245 27.28 4.72 -4.13
N CYS C 246 26.77 4.85 -5.37
CA CYS C 246 26.52 3.67 -6.20
C CYS C 246 27.84 2.93 -6.45
N ILE C 247 28.85 3.64 -6.91
CA ILE C 247 30.14 3.06 -7.22
C ILE C 247 30.80 2.46 -5.96
N CYS C 248 30.75 3.19 -4.85
CA CYS C 248 31.29 2.69 -3.59
C CYS C 248 30.67 1.35 -3.23
N LEU C 249 29.34 1.29 -3.34
CA LEU C 249 28.55 0.11 -3.00
C LEU C 249 28.79 -1.05 -3.97
N MET C 250 28.92 -0.74 -5.26
CA MET C 250 28.82 -1.73 -6.32
C MET C 250 30.18 -2.17 -6.84
N ALA C 251 31.24 -1.37 -6.63
CA ALA C 251 32.55 -1.65 -7.22
C ALA C 251 33.70 -1.51 -6.19
N LEU C 252 33.48 -0.77 -5.10
CA LEU C 252 34.60 -0.45 -4.21
C LEU C 252 34.43 -1.11 -2.84
N ASP C 253 33.61 -2.15 -2.76
CA ASP C 253 33.47 -2.97 -1.57
C ASP C 253 33.15 -2.12 -0.34
N LYS C 254 32.17 -1.21 -0.50
CA LYS C 254 31.59 -0.48 0.62
C LYS C 254 30.13 -0.92 0.78
N PRO C 255 29.82 -2.03 1.47
CA PRO C 255 28.44 -2.46 1.60
C PRO C 255 27.57 -1.51 2.43
N GLN C 256 28.19 -0.55 3.11
CA GLN C 256 27.48 0.41 3.96
C GLN C 256 27.12 1.68 3.19
N ALA C 257 27.57 1.83 1.94
CA ALA C 257 27.14 2.96 1.13
C ALA C 257 25.67 2.79 0.81
N VAL C 258 24.90 3.86 1.03
CA VAL C 258 23.46 3.86 0.78
C VAL C 258 23.14 5.04 -0.14
N PRO C 259 23.06 4.82 -1.49
CA PRO C 259 22.81 5.91 -2.43
C PRO C 259 21.42 6.48 -2.28
N VAL C 260 21.32 7.81 -2.13
CA VAL C 260 20.03 8.41 -1.85
C VAL C 260 19.55 9.26 -3.03
N ASP C 261 18.34 8.95 -3.49
CA ASP C 261 17.67 9.66 -4.56
C ASP C 261 16.18 9.68 -4.21
N VAL C 262 15.35 10.06 -5.20
CA VAL C 262 13.92 10.28 -5.03
C VAL C 262 13.20 8.98 -4.67
N HIS C 263 13.57 7.85 -5.29
CA HIS C 263 12.95 6.56 -5.00
C HIS C 263 13.12 6.21 -3.52
N VAL C 264 14.36 6.28 -3.02
CA VAL C 264 14.70 5.92 -1.65
C VAL C 264 13.99 6.86 -0.67
N TRP C 265 13.91 8.14 -1.03
CA TRP C 265 13.28 9.15 -0.22
C TRP C 265 11.80 8.80 0.01
N GLN C 266 11.16 8.25 -1.03
CA GLN C 266 9.75 7.85 -1.04
C GLN C 266 9.54 6.60 -0.17
N ILE C 267 10.37 5.57 -0.35
CA ILE C 267 10.34 4.40 0.51
C ILE C 267 10.49 4.82 1.98
N ALA C 268 11.48 5.65 2.28
CA ALA C 268 11.80 6.03 3.64
C ALA C 268 10.57 6.71 4.26
N HIS C 269 9.98 7.66 3.52
CA HIS C 269 8.85 8.40 4.01
C HIS C 269 7.66 7.47 4.23
N ARG C 270 7.28 6.72 3.18
CA ARG C 270 6.02 5.97 3.22
C ARG C 270 6.15 4.79 4.20
N ASP C 271 7.28 4.09 4.13
CA ASP C 271 7.38 2.79 4.77
C ASP C 271 8.05 2.85 6.15
N TYR C 272 8.86 3.89 6.42
CA TYR C 272 9.56 4.04 7.69
C TYR C 272 9.06 5.28 8.45
N GLY C 273 8.25 6.13 7.81
CA GLY C 273 7.79 7.37 8.43
C GLY C 273 8.90 8.41 8.63
N TRP C 274 9.94 8.32 7.79
CA TRP C 274 11.10 9.21 7.98
C TRP C 274 10.81 10.60 7.40
N HIS C 275 11.28 11.63 8.10
CA HIS C 275 11.15 13.01 7.61
C HIS C 275 12.50 13.65 7.86
N PRO C 276 12.97 14.61 7.04
CA PRO C 276 14.22 15.27 7.32
C PRO C 276 14.13 15.77 8.77
N LYS C 277 14.53 14.94 9.72
CA LYS C 277 14.46 15.32 11.16
C LYS C 277 15.18 16.65 11.32
N THR C 278 16.32 16.80 10.64
CA THR C 278 17.04 18.10 10.68
C THR C 278 16.46 18.98 9.57
N SER C 279 15.21 19.40 9.71
CA SER C 279 14.62 20.40 8.78
C SER C 279 14.34 19.75 7.43
N GLY C 283 11.87 19.21 1.27
CA GLY C 283 12.14 18.16 0.28
C GLY C 283 13.61 17.76 0.27
N PRO C 284 14.07 16.93 -0.71
CA PRO C 284 15.49 16.56 -0.82
C PRO C 284 16.51 17.70 -0.88
N SER C 285 17.67 17.46 -0.24
CA SER C 285 18.81 18.38 -0.26
C SER C 285 20.07 17.56 -0.02
N PRO C 286 21.28 18.06 -0.39
CA PRO C 286 22.54 17.40 -0.02
C PRO C 286 22.61 16.95 1.44
N LEU C 287 22.15 17.83 2.35
CA LEU C 287 22.26 17.61 3.79
C LEU C 287 21.23 16.58 4.26
N ALA C 288 20.00 16.68 3.75
CA ALA C 288 18.94 15.75 4.13
C ALA C 288 19.20 14.36 3.54
N ASN C 289 19.79 14.31 2.34
CA ASN C 289 20.17 13.04 1.71
C ASN C 289 21.24 12.35 2.56
N LYS C 290 22.25 13.11 3.01
CA LYS C 290 23.30 12.56 3.84
C LYS C 290 22.70 11.97 5.12
N GLU C 291 21.79 12.74 5.73
CA GLU C 291 21.11 12.33 6.95
C GLU C 291 20.33 11.04 6.72
N LEU C 292 19.68 10.90 5.55
CA LEU C 292 18.89 9.70 5.30
C LEU C 292 19.78 8.48 5.12
N GLY C 293 20.96 8.64 4.50
CA GLY C 293 21.90 7.52 4.40
C GLY C 293 22.39 7.02 5.76
N ASN C 294 22.70 7.99 6.64
CA ASN C 294 23.10 7.74 8.03
C ASN C 294 21.99 7.00 8.77
N PHE C 295 20.74 7.41 8.51
CA PHE C 295 19.58 6.80 9.14
C PHE C 295 19.57 5.30 8.83
N PHE C 296 19.75 4.96 7.55
CA PHE C 296 19.68 3.56 7.15
C PHE C 296 20.90 2.75 7.62
N ARG C 297 22.10 3.35 7.66
CA ARG C 297 23.26 2.69 8.27
C ARG C 297 23.01 2.37 9.76
N ASN C 298 22.49 3.35 10.49
CA ASN C 298 22.20 3.19 11.90
C ASN C 298 21.20 2.06 12.13
N LEU C 299 20.22 1.95 11.24
CA LEU C 299 19.14 0.98 11.36
C LEU C 299 19.61 -0.43 10.98
N TRP C 300 20.32 -0.56 9.84
CA TRP C 300 20.59 -1.86 9.23
C TRP C 300 21.98 -2.40 9.55
N GLY C 301 22.93 -1.48 9.79
CA GLY C 301 24.29 -1.89 10.10
C GLY C 301 25.22 -1.76 8.90
N PRO C 302 26.32 -2.57 8.86
CA PRO C 302 27.39 -2.34 7.89
C PRO C 302 27.10 -2.87 6.48
N TYR C 303 25.98 -3.58 6.26
CA TYR C 303 25.56 -3.95 4.92
C TYR C 303 24.29 -3.19 4.53
N ALA C 304 24.18 -1.91 4.91
CA ALA C 304 22.97 -1.11 4.70
C ALA C 304 22.61 -0.95 3.22
N GLY C 305 23.63 -0.82 2.35
CA GLY C 305 23.45 -0.67 0.91
C GLY C 305 22.81 -1.91 0.27
N TRP C 306 23.18 -3.08 0.79
CA TRP C 306 22.61 -4.34 0.33
C TRP C 306 21.15 -4.43 0.74
N ALA C 307 20.84 -3.92 1.94
CA ALA C 307 19.48 -3.98 2.47
C ALA C 307 18.61 -3.05 1.64
N GLN C 308 19.16 -1.91 1.27
CA GLN C 308 18.44 -0.97 0.41
C GLN C 308 18.08 -1.63 -0.92
N ALA C 309 19.03 -2.36 -1.54
CA ALA C 309 18.80 -3.00 -2.83
C ALA C 309 17.68 -4.03 -2.74
N VAL C 310 17.51 -4.63 -1.56
CA VAL C 310 16.41 -5.62 -1.38
C VAL C 310 15.08 -4.86 -1.45
N LEU C 311 15.05 -3.66 -0.89
CA LEU C 311 13.78 -2.90 -0.84
C LEU C 311 13.47 -2.31 -2.21
N PHE C 312 14.52 -1.93 -2.95
CA PHE C 312 14.32 -1.41 -4.33
C PHE C 312 13.60 -2.47 -5.17
N SER C 313 14.01 -3.73 -5.03
CA SER C 313 13.39 -4.84 -5.79
C SER C 313 11.96 -5.03 -5.31
N ALA C 314 11.74 -4.86 -4.02
CA ALA C 314 10.39 -5.07 -3.46
C ALA C 314 9.45 -3.96 -3.94
N ASP C 315 10.00 -2.77 -4.20
CA ASP C 315 9.17 -1.63 -4.70
C ASP C 315 8.80 -1.91 -6.15
N LEU C 316 9.63 -2.67 -6.86
CA LEU C 316 9.30 -3.05 -8.23
C LEU C 316 8.81 -4.49 -8.25
C10 UG0 D . -2.55 -5.56 19.68
N12 UG0 D . -4.34 -4.03 19.69
C13 UG0 D . -5.06 -4.92 19.04
C15 UG0 D . -4.61 -6.20 18.70
C17 UG0 D . 0.86 -8.01 18.12
C01 UG0 D . 4.01 -8.24 15.92
C02 UG0 D . 3.09 -8.11 17.16
C03 UG0 D . 3.63 -7.96 18.41
C04 UG0 D . 2.82 -7.87 19.54
C05 UG0 D . 1.43 -7.90 19.38
C06 UG0 D . 0.56 -7.76 20.59
N07 UG0 D . -0.80 -7.35 20.19
C08 UG0 D . -1.09 -5.91 20.05
O09 UG0 D . -0.29 -5.04 20.27
C11 UG0 D . -3.09 -4.32 20.02
F14 UG0 D . -6.36 -4.67 18.79
C16 UG0 D . -3.32 -6.53 19.01
C18 UG0 D . 1.69 -8.10 17.01
NI NI E . 4.94 12.56 6.49
#